data_1NCD
#
_entry.id   1NCD
#
_cell.length_a   167.000
_cell.length_b   167.000
_cell.length_c   124.000
_cell.angle_alpha   90.00
_cell.angle_beta   90.00
_cell.angle_gamma   90.00
#
_symmetry.space_group_name_H-M   'P 4 21 2'
#
loop_
_entity.id
_entity.type
_entity.pdbx_description
1 polymer 'INFLUENZA A SUBTYPE N9 NEURAMINIDASE'
2 polymer 'IGG2A-KAPPA NC41 FAB (LIGHT CHAIN)'
3 polymer 'IGG2A-KAPPA NC41 FAB (HEAVY CHAIN)'
4 branched alpha-D-mannopyranose-(1-2)-alpha-D-mannopyranose-(1-2)-alpha-D-mannopyranose-(1-3)-beta-D-mannopyranose-(1-4)-2-acetamido-2-deoxy-beta-D-glucopyranose-(1-4)-2-acetamido-2-deoxy-beta-D-glucopyranose
5 branched 2-acetamido-2-deoxy-beta-D-glucopyranose-(1-4)-2-acetamido-2-deoxy-beta-D-glucopyranose
6 non-polymer 2-acetamido-2-deoxy-beta-D-glucopyranose
7 non-polymer 'CALCIUM ION'
8 water water
#
loop_
_entity_poly.entity_id
_entity_poly.type
_entity_poly.pdbx_seq_one_letter_code
_entity_poly.pdbx_strand_id
1 'polypeptide(L)'
;IREFNNLTKGLCTINSWHIYGKDNAVRIGEDSDVLVTREPYVSCDPDECRFYALSQGTTIRGKHSNGTIHDRSQYRDLIS
WPLSSPPTVYNSRVECIGWSSTSCHDGRARMSICISGPNNNASAVIWYNRRPVTEINTWARNILRTQESECVCQNGVCPV
VFTDGSATGPAETRIYYFKEGKILKWEPLTGTAKHIEECSCYGEQAGVTCTCRDNWQGSNRPVIQIDPVAMTHTSQYICS
PVLTDNPRPNDPTVGKCNDPYPGNNNNGVKGFSYLDGGNTWLGRTISIASRSGYEMLKVPNALTDDRSKPTQGQTIVLNT
DWSGYSGSFMDYWAEGECYRACFYVELIRGRPKEDKVWWTSNSIVSMCSSTEFLGQWNWPDGAKIEYFL
;
N
2 'polypeptide(L)'
;DIVMTQSPKFMSTSVGDRVTITCKASQDVSTAVVWYQQKPGQSPKLLIYWASTRHIGVPDRFAGSGSGTDYTLTISSVQA
EDLALYYCQQHYSPPWTFGGGTKLEIKRADAAPTVSIFPPSSEQLTSGGASVVCFLNNFYPKDINVKWKIDGSERQNGVL
NSWTDQDSKDSTYSMSSTLTLTKDEYERHNSYTCEATHKTSTSPIVKSFNRNEC
;
L
3 'polypeptide(L)'
;QIQLVQSGPELKKPGETVKISCKASGYTFTNYGMNWVKQAPGKGLEWMGWINTNTGEPTYGEEFKGRFAFSLETSASTAN
LQINNLKNEDKATFFCARGEDNFGSLSDYWGQGTTLTVSSAKTTAPSVYPLAPVCGDTTGSSVTLGCLVKGYFPEPVTLT
WNSGSLSSGVHTFPAVLQSDLYTLSSSVTVTSSTWPSQSITCNVAHPASSTKVDKKIEPRG
;
H
#
loop_
_chem_comp.id
_chem_comp.type
_chem_comp.name
_chem_comp.formula
BMA D-saccharide, beta linking beta-D-mannopyranose 'C6 H12 O6'
CA non-polymer 'CALCIUM ION' 'Ca 2'
MAN D-saccharide, alpha linking alpha-D-mannopyranose 'C6 H12 O6'
NAG D-saccharide, beta linking 2-acetamido-2-deoxy-beta-D-glucopyranose 'C8 H15 N O6'
#
# COMPACT_ATOMS: atom_id res chain seq x y z
N ILE A 1 37.26 -25.71 -21.69
CA ILE A 1 38.28 -25.62 -22.72
C ILE A 1 39.43 -26.33 -21.99
N ARG A 2 40.58 -26.60 -22.63
CA ARG A 2 41.71 -27.21 -21.95
C ARG A 2 42.59 -26.11 -21.39
N GLU A 3 42.12 -24.87 -21.42
CA GLU A 3 42.91 -23.74 -21.07
C GLU A 3 42.10 -22.72 -20.31
N PHE A 4 42.72 -21.91 -19.43
CA PHE A 4 41.93 -20.95 -18.64
C PHE A 4 41.23 -19.98 -19.53
N ASN A 5 40.27 -19.21 -19.04
CA ASN A 5 39.56 -18.29 -19.93
C ASN A 5 39.88 -16.82 -19.71
N ASN A 6 40.04 -15.94 -20.71
CA ASN A 6 40.31 -14.52 -20.49
C ASN A 6 39.09 -13.78 -20.99
N LEU A 7 38.56 -12.75 -20.36
CA LEU A 7 37.31 -12.13 -20.84
C LEU A 7 37.75 -11.14 -21.87
N THR A 8 37.88 -11.61 -23.08
CA THR A 8 38.40 -10.77 -24.12
C THR A 8 37.42 -9.94 -24.81
N LYS A 9 36.19 -10.44 -24.87
CA LYS A 9 35.18 -9.67 -25.59
C LYS A 9 34.45 -8.62 -24.72
N GLY A 10 33.50 -7.88 -25.30
CA GLY A 10 32.71 -6.90 -24.58
C GLY A 10 31.26 -7.32 -24.76
N LEU A 11 30.27 -6.68 -24.16
CA LEU A 11 28.86 -7.06 -24.34
C LEU A 11 28.37 -6.85 -25.78
N CYS A 12 27.27 -7.45 -26.21
CA CYS A 12 26.69 -7.17 -27.51
C CYS A 12 25.57 -6.16 -27.26
N THR A 13 24.99 -5.57 -28.30
CA THR A 13 23.97 -4.54 -28.14
C THR A 13 22.73 -5.20 -27.62
N ILE A 14 22.27 -4.71 -26.50
CA ILE A 14 21.07 -5.27 -25.97
C ILE A 14 19.99 -4.52 -26.69
N ASN A 15 19.10 -5.15 -27.43
CA ASN A 15 17.99 -4.43 -28.07
C ASN A 15 16.57 -4.89 -27.71
N SER A 16 16.49 -6.09 -27.12
CA SER A 16 15.30 -6.71 -26.55
C SER A 16 15.81 -7.93 -25.82
N TRP A 17 15.01 -8.88 -25.33
CA TRP A 17 15.46 -10.06 -24.58
C TRP A 17 14.69 -11.23 -25.16
N HIS A 18 15.26 -12.43 -25.25
CA HIS A 18 14.59 -13.64 -25.75
C HIS A 18 14.59 -14.74 -24.67
N ILE A 19 13.60 -15.66 -24.51
CA ILE A 19 13.69 -16.71 -23.47
C ILE A 19 14.74 -17.71 -23.85
N TYR A 20 15.50 -17.89 -22.77
CA TYR A 20 16.60 -18.76 -22.71
C TYR A 20 16.14 -19.97 -21.95
N GLY A 21 15.59 -19.93 -20.75
CA GLY A 21 15.22 -21.17 -20.08
C GLY A 21 14.04 -20.99 -19.17
N LYS A 22 13.26 -22.04 -19.01
CA LYS A 22 12.15 -21.97 -18.11
C LYS A 22 12.02 -23.40 -17.63
N ASP A 23 12.26 -23.68 -16.33
CA ASP A 23 12.16 -25.03 -15.78
C ASP A 23 10.77 -25.64 -15.39
N ASN A 24 9.80 -24.74 -15.17
CA ASN A 24 8.43 -25.06 -14.74
C ASN A 24 8.28 -26.00 -13.54
N ALA A 25 9.24 -25.85 -12.61
CA ALA A 25 9.37 -26.76 -11.51
C ALA A 25 8.18 -26.95 -10.57
N VAL A 26 7.52 -25.91 -10.04
CA VAL A 26 6.35 -26.04 -9.16
C VAL A 26 5.22 -26.64 -9.97
N ARG A 27 4.93 -26.23 -11.20
CA ARG A 27 3.88 -26.82 -12.02
C ARG A 27 4.06 -28.33 -12.17
N ILE A 28 5.28 -28.77 -12.54
CA ILE A 28 5.54 -30.20 -12.70
C ILE A 28 5.50 -30.92 -11.34
N GLY A 29 6.13 -30.24 -10.39
CA GLY A 29 6.30 -30.58 -8.99
C GLY A 29 5.06 -30.98 -8.26
N GLU A 30 3.87 -30.62 -8.69
CA GLU A 30 2.64 -31.10 -8.08
C GLU A 30 2.56 -32.59 -8.27
N ASP A 31 3.31 -33.26 -9.16
CA ASP A 31 3.20 -34.69 -9.31
C ASP A 31 4.55 -35.39 -9.58
N SER A 32 5.73 -34.78 -9.51
CA SER A 32 6.96 -35.55 -9.71
C SER A 32 7.82 -35.35 -8.47
N ASP A 33 9.03 -35.88 -8.41
CA ASP A 33 9.87 -35.66 -7.27
C ASP A 33 10.88 -34.55 -7.52
N VAL A 34 10.26 -33.37 -7.63
CA VAL A 34 10.88 -32.07 -7.76
C VAL A 34 11.22 -31.61 -6.34
N LEU A 35 12.41 -31.01 -6.18
CA LEU A 35 12.96 -30.71 -4.88
C LEU A 35 12.57 -29.33 -4.50
N VAL A 36 12.43 -29.07 -3.21
CA VAL A 36 12.10 -27.74 -2.78
C VAL A 36 13.46 -27.04 -2.83
N THR A 37 13.51 -25.85 -3.42
CA THR A 37 14.71 -25.06 -3.50
C THR A 37 14.32 -23.61 -3.27
N ARG A 38 15.30 -22.74 -3.41
CA ARG A 38 15.21 -21.30 -3.33
C ARG A 38 16.68 -20.84 -3.52
N GLU A 39 16.78 -19.57 -3.91
CA GLU A 39 17.99 -18.88 -4.33
C GLU A 39 18.57 -19.68 -5.46
N PRO A 40 18.11 -19.52 -6.69
CA PRO A 40 18.62 -20.23 -7.83
C PRO A 40 19.65 -19.35 -8.48
N TYR A 41 20.24 -19.76 -9.60
CA TYR A 41 21.10 -18.99 -10.46
C TYR A 41 21.50 -19.92 -11.58
N VAL A 42 22.25 -19.49 -12.60
CA VAL A 42 22.63 -20.30 -13.74
C VAL A 42 24.12 -20.13 -14.03
N SER A 43 24.86 -21.13 -14.51
CA SER A 43 26.27 -20.98 -14.76
C SER A 43 26.66 -21.92 -15.86
N CYS A 44 27.65 -21.42 -16.58
CA CYS A 44 28.03 -22.15 -17.76
C CYS A 44 29.42 -22.73 -17.68
N ASP A 45 29.47 -24.00 -18.07
CA ASP A 45 30.69 -24.72 -18.30
C ASP A 45 31.06 -24.40 -19.73
N PRO A 46 32.30 -24.57 -20.16
CA PRO A 46 32.70 -24.47 -21.57
C PRO A 46 32.01 -25.41 -22.55
N ASP A 47 31.31 -26.37 -21.95
CA ASP A 47 30.70 -27.47 -22.63
C ASP A 47 29.18 -27.54 -22.45
N GLU A 48 28.51 -26.87 -21.47
CA GLU A 48 27.05 -26.93 -21.22
C GLU A 48 26.52 -25.89 -20.20
N CYS A 49 25.25 -25.42 -20.13
CA CYS A 49 24.84 -24.49 -19.08
C CYS A 49 23.85 -25.19 -18.16
N ARG A 50 23.89 -25.04 -16.86
CA ARG A 50 23.01 -25.77 -15.98
C ARG A 50 22.30 -24.82 -15.02
N PHE A 51 21.23 -25.22 -14.31
CA PHE A 51 20.56 -24.37 -13.34
C PHE A 51 21.13 -24.81 -12.00
N TYR A 52 21.47 -23.87 -11.12
CA TYR A 52 22.01 -24.20 -9.80
C TYR A 52 21.09 -23.64 -8.79
N ALA A 53 20.91 -24.23 -7.62
CA ALA A 53 20.01 -23.69 -6.65
C ALA A 53 20.33 -24.27 -5.30
N LEU A 54 19.83 -23.67 -4.21
CA LEU A 54 20.05 -24.12 -2.86
C LEU A 54 18.85 -25.00 -2.51
N SER A 55 19.05 -26.33 -2.43
CA SER A 55 18.02 -27.30 -2.08
C SER A 55 17.68 -27.27 -0.60
N GLN A 56 16.47 -27.63 -0.22
CA GLN A 56 16.10 -27.64 1.19
C GLN A 56 15.97 -29.06 1.66
N GLY A 57 16.31 -30.01 0.81
CA GLY A 57 16.29 -31.40 1.19
C GLY A 57 14.94 -31.99 1.52
N THR A 58 14.03 -31.85 0.57
CA THR A 58 12.71 -32.43 0.66
C THR A 58 12.07 -32.24 -0.70
N THR A 59 11.10 -33.09 -1.08
CA THR A 59 10.36 -32.93 -2.32
C THR A 59 9.23 -31.90 -2.00
N ILE A 60 8.65 -31.12 -2.93
CA ILE A 60 7.61 -30.16 -2.58
C ILE A 60 6.44 -30.92 -1.99
N ARG A 61 5.92 -32.06 -2.53
CA ARG A 61 4.84 -32.85 -1.90
C ARG A 61 5.28 -33.51 -0.59
N GLY A 62 6.55 -33.91 -0.44
CA GLY A 62 6.96 -34.60 0.76
C GLY A 62 6.57 -33.86 2.03
N LYS A 63 6.24 -34.51 3.13
CA LYS A 63 5.79 -33.81 4.31
C LYS A 63 6.81 -32.93 4.99
N HIS A 64 8.09 -33.14 4.70
CA HIS A 64 9.15 -32.33 5.26
C HIS A 64 9.26 -31.02 4.52
N SER A 65 8.42 -30.77 3.53
CA SER A 65 8.44 -29.52 2.80
C SER A 65 7.99 -28.37 3.67
N ASN A 66 7.24 -28.67 4.73
CA ASN A 66 6.62 -27.69 5.57
C ASN A 66 7.59 -27.09 6.50
N GLY A 67 7.75 -25.81 6.19
CA GLY A 67 8.60 -24.96 6.96
C GLY A 67 9.82 -24.57 6.19
N THR A 68 9.81 -24.52 4.87
CA THR A 68 11.00 -24.21 4.14
C THR A 68 11.27 -22.71 3.98
N ILE A 69 10.60 -21.92 4.83
CA ILE A 69 10.81 -20.50 4.80
C ILE A 69 12.20 -20.17 5.33
N HIS A 70 12.65 -21.04 6.25
CA HIS A 70 13.96 -20.89 6.84
C HIS A 70 15.06 -21.17 5.83
N ASP A 71 15.84 -20.07 5.77
CA ASP A 71 16.95 -19.87 4.87
C ASP A 71 18.10 -20.82 5.09
N ARG A 72 18.37 -21.04 6.37
CA ARG A 72 19.50 -21.89 6.68
C ARG A 72 19.21 -22.95 7.71
N SER A 73 19.68 -24.14 7.38
CA SER A 73 19.43 -25.37 8.07
C SER A 73 20.48 -26.30 7.58
N GLN A 74 20.70 -27.40 8.30
CA GLN A 74 21.67 -28.33 7.77
C GLN A 74 21.09 -29.36 6.80
N TYR A 75 19.96 -29.07 6.11
CA TYR A 75 19.44 -30.00 5.10
C TYR A 75 19.51 -29.36 3.70
N ARG A 76 20.04 -28.13 3.69
CA ARG A 76 20.39 -27.32 2.50
C ARG A 76 21.63 -27.88 1.77
N ASP A 77 21.67 -27.86 0.44
CA ASP A 77 22.70 -28.54 -0.33
C ASP A 77 22.79 -27.71 -1.62
N LEU A 78 23.89 -27.25 -2.20
CA LEU A 78 23.85 -26.53 -3.48
C LEU A 78 23.78 -27.55 -4.60
N ILE A 79 22.77 -27.61 -5.45
CA ILE A 79 22.63 -28.60 -6.51
C ILE A 79 22.61 -27.97 -7.89
N SER A 80 22.82 -28.80 -8.90
CA SER A 80 22.72 -28.39 -10.29
C SER A 80 22.01 -29.49 -11.07
N TRP A 81 21.41 -29.24 -12.21
CA TRP A 81 20.72 -30.24 -13.01
C TRP A 81 20.66 -29.59 -14.37
N PRO A 82 20.29 -30.28 -15.43
CA PRO A 82 20.18 -29.69 -16.75
C PRO A 82 19.26 -28.50 -16.93
N LEU A 83 19.71 -27.67 -17.87
CA LEU A 83 19.03 -26.45 -18.25
C LEU A 83 17.66 -26.91 -18.74
N SER A 84 16.73 -26.22 -18.11
CA SER A 84 15.29 -26.30 -18.22
C SER A 84 14.55 -27.55 -17.83
N SER A 85 15.23 -28.33 -17.02
CA SER A 85 14.54 -29.42 -16.36
C SER A 85 14.13 -29.00 -14.94
N PRO A 86 13.27 -29.67 -14.18
CA PRO A 86 13.08 -29.42 -12.76
C PRO A 86 14.21 -29.93 -11.85
N PRO A 87 14.53 -29.41 -10.65
CA PRO A 87 15.46 -30.01 -9.71
C PRO A 87 14.84 -31.30 -9.23
N THR A 88 15.13 -32.41 -9.87
CA THR A 88 14.52 -33.67 -9.61
C THR A 88 15.35 -34.51 -8.70
N VAL A 89 14.86 -35.32 -7.79
CA VAL A 89 15.68 -36.07 -6.84
C VAL A 89 16.66 -36.98 -7.54
N TYR A 90 16.22 -37.46 -8.71
CA TYR A 90 16.88 -38.46 -9.55
C TYR A 90 17.76 -37.85 -10.61
N ASN A 91 18.04 -36.53 -10.62
CA ASN A 91 18.96 -35.98 -11.60
C ASN A 91 19.67 -34.72 -11.11
N SER A 92 19.50 -34.22 -9.90
CA SER A 92 20.30 -33.11 -9.44
C SER A 92 21.66 -33.63 -9.04
N ARG A 93 22.66 -32.79 -9.21
CA ARG A 93 24.01 -33.10 -8.85
C ARG A 93 24.33 -32.24 -7.65
N VAL A 94 24.64 -32.82 -6.49
CA VAL A 94 24.98 -32.04 -5.34
C VAL A 94 26.45 -31.62 -5.50
N GLU A 95 26.59 -30.29 -5.41
CA GLU A 95 27.84 -29.57 -5.54
C GLU A 95 28.71 -29.31 -4.32
N CYS A 96 28.14 -29.21 -3.14
CA CYS A 96 28.78 -29.05 -1.83
C CYS A 96 27.62 -28.87 -0.86
N ILE A 97 27.86 -28.80 0.46
CA ILE A 97 26.81 -28.69 1.47
C ILE A 97 26.84 -27.34 2.19
N GLY A 98 25.74 -26.63 2.37
CA GLY A 98 25.70 -25.34 3.04
C GLY A 98 24.46 -24.58 2.57
N TRP A 99 24.32 -23.34 3.05
CA TRP A 99 23.17 -22.45 2.81
C TRP A 99 23.38 -21.09 2.15
N SER A 100 24.57 -20.97 1.57
CA SER A 100 24.99 -19.79 0.82
C SER A 100 25.89 -20.37 -0.27
N SER A 101 26.05 -19.85 -1.47
CA SER A 101 26.98 -20.46 -2.40
C SER A 101 27.18 -19.59 -3.62
N THR A 102 28.29 -19.88 -4.26
CA THR A 102 28.60 -19.30 -5.52
C THR A 102 29.24 -20.48 -6.26
N SER A 103 29.32 -20.46 -7.59
CA SER A 103 29.99 -21.48 -8.35
C SER A 103 30.35 -20.86 -9.69
N CYS A 104 31.44 -21.24 -10.36
CA CYS A 104 31.82 -20.71 -11.65
C CYS A 104 32.97 -21.45 -12.24
N HIS A 105 33.06 -21.54 -13.54
CA HIS A 105 34.07 -22.32 -14.20
C HIS A 105 35.16 -21.39 -14.62
N ASP A 106 36.39 -21.75 -14.29
CA ASP A 106 37.49 -20.91 -14.72
C ASP A 106 38.00 -21.16 -16.13
N GLY A 107 37.38 -22.06 -16.88
CA GLY A 107 37.86 -22.46 -18.20
C GLY A 107 38.33 -23.92 -18.21
N ARG A 108 38.90 -24.36 -17.08
CA ARG A 108 39.46 -25.69 -16.94
C ARG A 108 38.56 -26.58 -16.11
N ALA A 109 38.42 -26.25 -14.82
CA ALA A 109 37.48 -26.92 -13.94
C ALA A 109 36.63 -25.83 -13.35
N ARG A 110 35.70 -26.20 -12.46
CA ARG A 110 34.95 -25.17 -11.79
C ARG A 110 35.10 -25.22 -10.28
N MET A 111 34.83 -24.04 -9.77
CA MET A 111 34.92 -23.79 -8.35
C MET A 111 33.46 -23.67 -7.95
N SER A 112 33.17 -24.25 -6.80
CA SER A 112 31.91 -24.12 -6.12
C SER A 112 32.33 -23.75 -4.72
N ILE A 113 31.53 -22.91 -4.07
CA ILE A 113 31.78 -22.43 -2.73
C ILE A 113 30.49 -22.55 -1.90
N CYS A 114 30.40 -23.49 -0.96
CA CYS A 114 29.25 -23.54 -0.04
C CYS A 114 29.53 -23.19 1.43
N ILE A 115 28.94 -22.13 1.99
CA ILE A 115 29.05 -21.78 3.41
C ILE A 115 28.01 -22.53 4.25
N SER A 116 28.43 -23.03 5.40
CA SER A 116 27.59 -23.84 6.22
C SER A 116 27.73 -23.32 7.62
N GLY A 117 26.78 -23.63 8.52
CA GLY A 117 26.99 -23.25 9.90
C GLY A 117 25.86 -22.68 10.74
N PRO A 118 26.09 -22.80 12.06
CA PRO A 118 25.61 -21.91 13.11
C PRO A 118 25.88 -20.51 12.65
N ASN A 119 25.02 -19.60 13.05
CA ASN A 119 25.17 -18.23 12.65
C ASN A 119 26.35 -17.54 13.28
N ASN A 120 27.03 -18.11 14.27
CA ASN A 120 28.19 -17.48 14.83
C ASN A 120 29.46 -18.30 14.73
N ASN A 121 29.45 -19.30 13.87
CA ASN A 121 30.61 -20.14 13.75
C ASN A 121 30.53 -20.68 12.35
N ALA A 122 30.26 -19.83 11.35
CA ALA A 122 30.06 -20.32 10.00
C ALA A 122 31.40 -20.55 9.31
N SER A 123 31.50 -21.38 8.25
CA SER A 123 32.70 -21.80 7.53
C SER A 123 32.50 -22.05 6.04
N ALA A 124 33.28 -21.48 5.15
CA ALA A 124 33.13 -21.70 3.74
C ALA A 124 34.06 -22.80 3.25
N VAL A 125 33.77 -23.78 2.38
CA VAL A 125 34.83 -24.63 1.84
C VAL A 125 34.66 -24.48 0.34
N ILE A 126 35.84 -24.12 -0.20
CA ILE A 126 36.05 -23.76 -1.60
C ILE A 126 36.43 -25.02 -2.35
N TRP A 127 35.44 -25.65 -2.97
CA TRP A 127 35.66 -26.84 -3.78
C TRP A 127 36.19 -26.45 -5.17
N TYR A 128 37.21 -27.19 -5.64
CA TYR A 128 37.73 -26.97 -7.00
C TYR A 128 37.96 -28.33 -7.62
N ASN A 129 37.29 -28.49 -8.77
CA ASN A 129 37.25 -29.72 -9.55
C ASN A 129 36.69 -30.91 -8.77
N ARG A 130 35.51 -30.59 -8.25
CA ARG A 130 34.75 -31.46 -7.36
C ARG A 130 35.57 -32.00 -6.18
N ARG A 131 36.63 -31.34 -5.73
CA ARG A 131 37.28 -31.76 -4.52
C ARG A 131 37.43 -30.58 -3.60
N PRO A 132 37.31 -30.78 -2.29
CA PRO A 132 37.42 -29.71 -1.31
C PRO A 132 38.89 -29.28 -1.23
N VAL A 133 39.11 -28.01 -1.53
CA VAL A 133 40.47 -27.53 -1.60
C VAL A 133 40.84 -26.59 -0.46
N THR A 134 40.04 -25.61 -0.17
CA THR A 134 40.38 -24.61 0.85
C THR A 134 39.16 -24.41 1.74
N GLU A 135 39.32 -23.76 2.89
CA GLU A 135 38.20 -23.51 3.80
C GLU A 135 38.52 -22.19 4.53
N ILE A 136 37.56 -21.30 4.72
CA ILE A 136 37.76 -20.00 5.35
C ILE A 136 36.67 -20.02 6.40
N ASN A 137 36.97 -19.45 7.53
CA ASN A 137 36.06 -19.47 8.66
C ASN A 137 35.51 -18.07 8.99
N THR A 138 34.52 -17.90 9.87
CA THR A 138 33.85 -16.63 10.05
C THR A 138 34.75 -15.56 10.65
N TRP A 139 34.96 -14.40 10.03
CA TRP A 139 35.76 -13.34 10.64
C TRP A 139 35.01 -12.40 11.59
N ALA A 140 33.73 -12.28 11.35
CA ALA A 140 32.94 -11.46 12.20
C ALA A 140 31.91 -12.25 12.95
N ARG A 141 31.87 -13.57 12.91
CA ARG A 141 30.88 -14.37 13.61
C ARG A 141 29.38 -13.99 13.54
N ASN A 142 28.86 -13.31 12.52
CA ASN A 142 27.43 -13.19 12.42
C ASN A 142 27.06 -13.33 10.96
N ILE A 143 26.70 -14.58 10.68
CA ILE A 143 26.35 -15.10 9.37
C ILE A 143 27.23 -14.73 8.17
N LEU A 144 28.09 -15.67 7.76
CA LEU A 144 29.08 -15.45 6.73
C LEU A 144 28.28 -15.77 5.50
N ARG A 145 28.22 -14.90 4.52
CA ARG A 145 27.44 -15.20 3.34
C ARG A 145 28.12 -14.86 2.04
N THR A 146 27.73 -15.39 0.88
CA THR A 146 28.32 -14.99 -0.36
C THR A 146 27.27 -14.86 -1.45
N GLN A 147 27.69 -14.49 -2.65
CA GLN A 147 26.87 -14.19 -3.81
C GLN A 147 25.48 -14.72 -4.16
N GLU A 148 25.23 -16.01 -4.25
CA GLU A 148 24.00 -16.60 -4.78
C GLU A 148 23.77 -16.30 -6.27
N SER A 149 24.89 -16.10 -6.97
CA SER A 149 25.06 -15.98 -8.42
C SER A 149 26.38 -16.67 -8.73
N GLU A 150 26.88 -16.59 -9.98
CA GLU A 150 28.13 -17.20 -10.36
C GLU A 150 29.16 -16.10 -10.32
N CYS A 151 30.38 -16.53 -10.13
CA CYS A 151 31.52 -15.64 -10.02
C CYS A 151 32.11 -15.61 -11.40
N VAL A 152 32.96 -14.66 -11.73
CA VAL A 152 33.60 -14.66 -13.04
C VAL A 152 35.10 -14.89 -12.87
N CYS A 153 35.65 -15.66 -13.79
CA CYS A 153 37.06 -15.95 -13.73
C CYS A 153 37.78 -15.24 -14.86
N GLN A 154 39.07 -14.95 -14.70
CA GLN A 154 39.94 -14.32 -15.69
C GLN A 154 41.36 -14.76 -15.40
N ASN A 155 41.90 -15.46 -16.36
CA ASN A 155 43.25 -15.99 -16.31
C ASN A 155 43.55 -16.87 -15.11
N GLY A 156 42.48 -17.47 -14.58
CA GLY A 156 42.60 -18.35 -13.44
C GLY A 156 42.12 -17.71 -12.15
N VAL A 157 42.14 -16.36 -12.12
CA VAL A 157 41.75 -15.55 -10.98
C VAL A 157 40.25 -15.37 -11.04
N CYS A 158 39.52 -15.79 -10.03
CA CYS A 158 38.08 -15.58 -9.97
C CYS A 158 37.78 -14.77 -8.71
N PRO A 159 37.51 -13.46 -8.75
CA PRO A 159 37.10 -12.72 -7.55
C PRO A 159 35.72 -13.19 -7.10
N VAL A 160 35.54 -13.19 -5.76
CA VAL A 160 34.35 -13.63 -5.04
C VAL A 160 34.10 -12.66 -3.86
N VAL A 161 32.85 -12.25 -3.72
CA VAL A 161 32.42 -11.26 -2.73
C VAL A 161 31.64 -11.93 -1.60
N PHE A 162 32.26 -11.83 -0.42
CA PHE A 162 31.88 -12.42 0.85
C PHE A 162 31.47 -11.38 1.89
N THR A 163 30.34 -11.46 2.54
CA THR A 163 30.04 -10.50 3.57
C THR A 163 29.74 -11.15 4.90
N ASP A 164 30.48 -10.86 5.95
CA ASP A 164 30.15 -11.40 7.26
C ASP A 164 29.81 -10.20 8.08
N GLY A 165 28.92 -10.19 9.04
CA GLY A 165 28.65 -8.99 9.79
C GLY A 165 27.16 -8.82 9.90
N SER A 166 26.67 -7.58 10.07
CA SER A 166 25.27 -7.35 10.34
C SER A 166 24.64 -6.92 9.05
N ALA A 167 23.41 -7.39 8.86
CA ALA A 167 22.59 -7.03 7.70
C ALA A 167 21.75 -5.81 8.01
N THR A 168 21.92 -5.34 9.22
CA THR A 168 21.18 -4.25 9.76
C THR A 168 22.22 -3.20 10.08
N GLY A 169 23.53 -3.46 10.07
CA GLY A 169 24.45 -2.44 10.51
C GLY A 169 25.49 -2.20 9.43
N PRO A 170 26.63 -1.63 9.76
CA PRO A 170 27.87 -2.01 9.14
C PRO A 170 28.14 -3.50 9.24
N ALA A 171 28.44 -4.13 8.11
CA ALA A 171 28.90 -5.51 8.06
C ALA A 171 30.35 -5.38 7.63
N GLU A 172 30.98 -6.53 7.50
CA GLU A 172 32.37 -6.63 7.15
C GLU A 172 32.59 -7.38 5.85
N THR A 173 32.37 -6.70 4.72
CA THR A 173 32.50 -7.32 3.41
C THR A 173 33.97 -7.51 3.06
N ARG A 174 34.30 -8.49 2.20
CA ARG A 174 35.62 -8.64 1.61
C ARG A 174 35.70 -9.47 0.34
N ILE A 175 36.43 -8.88 -0.61
CA ILE A 175 36.65 -9.49 -1.90
C ILE A 175 37.80 -10.49 -1.73
N TYR A 176 37.57 -11.72 -2.10
CA TYR A 176 38.57 -12.76 -2.10
C TYR A 176 38.93 -13.09 -3.56
N TYR A 177 40.16 -13.57 -3.80
CA TYR A 177 40.67 -13.88 -5.13
C TYR A 177 41.16 -15.31 -5.14
N PHE A 178 40.42 -16.17 -5.82
CA PHE A 178 40.79 -17.54 -5.84
C PHE A 178 41.50 -17.80 -7.16
N LYS A 179 42.51 -18.66 -7.18
CA LYS A 179 42.96 -19.26 -8.42
C LYS A 179 43.09 -20.72 -8.04
N GLU A 180 42.46 -21.59 -8.84
CA GLU A 180 42.46 -23.05 -8.65
C GLU A 180 42.11 -23.52 -7.23
N GLY A 181 41.04 -22.90 -6.68
CA GLY A 181 40.64 -23.14 -5.29
C GLY A 181 41.55 -22.46 -4.25
N LYS A 182 42.82 -22.06 -4.44
CA LYS A 182 43.67 -21.45 -3.41
C LYS A 182 43.37 -19.96 -3.27
N ILE A 183 43.64 -19.37 -2.10
CA ILE A 183 43.36 -17.94 -1.95
C ILE A 183 44.54 -17.12 -2.40
N LEU A 184 44.42 -16.46 -3.54
CA LEU A 184 45.46 -15.53 -3.93
C LEU A 184 45.60 -14.29 -3.08
N LYS A 185 44.55 -13.62 -2.69
CA LYS A 185 44.65 -12.40 -1.93
C LYS A 185 43.25 -12.24 -1.40
N TRP A 186 42.99 -11.36 -0.45
CA TRP A 186 41.65 -10.98 -0.08
C TRP A 186 41.82 -9.53 0.39
N GLU A 187 40.86 -8.69 0.10
CA GLU A 187 40.96 -7.30 0.47
C GLU A 187 39.59 -6.85 0.95
N PRO A 188 39.50 -5.95 1.92
CA PRO A 188 38.28 -5.31 2.42
C PRO A 188 37.44 -4.39 1.55
N LEU A 189 36.14 -4.25 1.74
CA LEU A 189 35.42 -3.39 0.81
C LEU A 189 35.96 -1.97 0.88
N THR A 190 36.01 -1.36 -0.31
CA THR A 190 36.44 0.00 -0.45
C THR A 190 35.62 0.74 -1.47
N GLY A 191 35.39 2.02 -1.22
CA GLY A 191 34.61 2.81 -2.14
C GLY A 191 33.56 3.48 -1.26
N THR A 192 32.52 4.05 -1.83
CA THR A 192 31.55 4.84 -1.11
C THR A 192 30.37 4.00 -0.71
N ALA A 193 30.24 2.83 -1.32
CA ALA A 193 29.28 1.85 -0.87
C ALA A 193 29.21 1.56 0.65
N LYS A 194 28.03 1.72 1.21
CA LYS A 194 27.88 1.52 2.63
C LYS A 194 27.67 0.09 3.12
N HIS A 195 27.06 -0.83 2.37
CA HIS A 195 26.84 -2.20 2.84
C HIS A 195 26.56 -3.05 1.61
N ILE A 196 27.34 -4.13 1.50
CA ILE A 196 27.23 -5.10 0.43
C ILE A 196 26.66 -6.47 0.83
N GLU A 197 25.69 -6.86 0.01
CA GLU A 197 25.04 -8.14 0.00
C GLU A 197 24.77 -8.71 -1.43
N GLU A 198 24.70 -10.04 -1.56
CA GLU A 198 24.34 -10.80 -2.76
C GLU A 198 24.68 -10.27 -4.14
N CYS A 199 25.97 -10.15 -4.37
CA CYS A 199 26.43 -9.54 -5.58
C CYS A 199 26.20 -10.29 -6.87
N SER A 200 25.76 -9.59 -7.92
CA SER A 200 25.51 -10.18 -9.22
C SER A 200 26.64 -9.86 -10.15
N CYS A 201 27.48 -10.79 -10.67
CA CYS A 201 28.60 -10.32 -11.46
C CYS A 201 28.67 -10.78 -12.90
N TYR A 202 29.03 -9.92 -13.85
CA TYR A 202 29.32 -10.33 -15.24
C TYR A 202 30.73 -9.79 -15.56
N GLY A 203 31.43 -10.44 -16.49
CA GLY A 203 32.78 -10.02 -16.85
C GLY A 203 32.83 -9.58 -18.33
N GLU A 204 33.53 -8.49 -18.60
CA GLU A 204 33.80 -8.15 -19.98
C GLU A 204 35.03 -7.30 -19.92
N GLN A 205 35.78 -7.51 -21.00
CA GLN A 205 37.01 -6.79 -21.28
C GLN A 205 37.99 -6.84 -20.13
N ALA A 206 38.23 -8.02 -19.59
CA ALA A 206 39.10 -8.19 -18.41
C ALA A 206 38.78 -7.37 -17.14
N GLY A 207 37.51 -7.05 -16.91
CA GLY A 207 37.04 -6.38 -15.71
C GLY A 207 35.78 -7.09 -15.28
N VAL A 208 35.53 -7.23 -13.97
CA VAL A 208 34.29 -7.86 -13.59
C VAL A 208 33.45 -6.84 -12.82
N THR A 209 32.17 -6.72 -13.15
CA THR A 209 31.25 -5.80 -12.49
C THR A 209 30.24 -6.55 -11.64
N CYS A 210 30.09 -6.10 -10.41
CA CYS A 210 29.08 -6.63 -9.57
C CYS A 210 28.08 -5.56 -9.20
N THR A 211 26.80 -5.92 -9.24
CA THR A 211 25.69 -5.06 -8.86
C THR A 211 25.08 -5.80 -7.67
N CYS A 212 25.04 -5.24 -6.47
CA CYS A 212 24.69 -5.93 -5.24
C CYS A 212 23.39 -5.43 -4.59
N ARG A 213 23.28 -5.50 -3.25
CA ARG A 213 22.13 -5.06 -2.48
C ARG A 213 22.62 -4.35 -1.24
N ASP A 214 22.10 -3.17 -0.88
CA ASP A 214 22.50 -2.57 0.36
C ASP A 214 21.26 -2.88 1.14
N ASN A 215 21.56 -3.56 2.23
CA ASN A 215 20.42 -4.03 2.96
C ASN A 215 20.05 -2.91 3.83
N TRP A 216 20.99 -2.48 4.69
CA TRP A 216 20.90 -1.33 5.60
C TRP A 216 20.12 -0.16 5.01
N GLN A 217 20.75 0.88 4.44
CA GLN A 217 19.98 2.01 3.95
C GLN A 217 19.59 1.95 2.48
N GLY A 218 20.32 1.33 1.54
CA GLY A 218 19.98 1.30 0.11
C GLY A 218 18.68 0.70 -0.44
N SER A 219 18.30 1.65 -1.29
CA SER A 219 17.26 1.51 -2.26
C SER A 219 17.81 1.77 -3.65
N ASN A 220 19.10 2.07 -3.75
CA ASN A 220 19.84 2.22 -5.00
C ASN A 220 20.96 1.23 -4.78
N ARG A 221 21.29 0.43 -5.79
CA ARG A 221 22.31 -0.61 -5.61
C ARG A 221 23.78 -0.15 -5.61
N PRO A 222 24.61 -0.74 -4.75
CA PRO A 222 26.05 -0.58 -4.82
C PRO A 222 26.59 -1.39 -5.98
N VAL A 223 27.53 -0.80 -6.68
CA VAL A 223 28.14 -1.40 -7.82
C VAL A 223 29.56 -1.55 -7.35
N ILE A 224 30.16 -2.71 -7.49
CA ILE A 224 31.56 -2.89 -7.21
C ILE A 224 32.25 -3.17 -8.56
N GLN A 225 33.22 -2.44 -9.12
CA GLN A 225 33.95 -3.02 -10.24
C GLN A 225 35.24 -3.64 -9.66
N ILE A 226 35.60 -4.84 -10.13
CA ILE A 226 36.80 -5.55 -9.68
C ILE A 226 37.71 -5.73 -10.88
N ASP A 227 39.01 -5.59 -10.69
CA ASP A 227 40.02 -5.76 -11.72
C ASP A 227 40.71 -7.06 -11.34
N PRO A 228 40.41 -8.17 -12.06
CA PRO A 228 40.92 -9.51 -11.76
C PRO A 228 42.39 -9.69 -12.12
N VAL A 229 42.91 -8.81 -12.99
CA VAL A 229 44.32 -8.78 -13.36
C VAL A 229 45.17 -8.20 -12.24
N ALA A 230 44.79 -7.06 -11.65
CA ALA A 230 45.58 -6.44 -10.61
C ALA A 230 45.09 -6.68 -9.21
N MET A 231 43.92 -7.31 -9.10
CA MET A 231 43.29 -7.61 -7.84
C MET A 231 43.11 -6.34 -6.98
N THR A 232 42.28 -5.51 -7.63
CA THR A 232 41.85 -4.26 -7.05
C THR A 232 40.38 -4.05 -7.32
N HIS A 233 39.65 -3.22 -6.54
CA HIS A 233 38.24 -2.92 -6.76
C HIS A 233 37.87 -1.52 -6.24
N THR A 234 36.67 -1.02 -6.59
CA THR A 234 36.08 0.18 -5.99
C THR A 234 34.59 0.00 -5.98
N SER A 235 33.89 0.71 -5.08
CA SER A 235 32.46 0.66 -5.06
C SER A 235 31.86 2.06 -4.98
N GLN A 236 30.64 2.15 -5.47
CA GLN A 236 29.85 3.33 -5.60
C GLN A 236 28.38 2.87 -5.69
N TYR A 237 27.41 3.76 -5.78
CA TYR A 237 26.03 3.43 -5.95
C TYR A 237 25.80 3.80 -7.39
N ILE A 238 24.67 3.40 -7.93
CA ILE A 238 24.26 3.73 -9.29
C ILE A 238 23.67 5.12 -9.19
N CYS A 239 24.18 6.08 -9.95
CA CYS A 239 23.60 7.40 -9.99
C CYS A 239 22.12 7.57 -10.36
N SER A 240 21.48 6.77 -11.23
CA SER A 240 20.12 6.96 -11.74
C SER A 240 19.01 7.20 -10.73
N PRO A 241 18.03 8.11 -10.95
CA PRO A 241 16.80 8.18 -10.17
C PRO A 241 15.97 6.92 -10.27
N VAL A 242 16.15 6.09 -11.31
CA VAL A 242 15.44 4.82 -11.44
C VAL A 242 15.94 3.82 -10.37
N LEU A 243 15.18 3.70 -9.25
CA LEU A 243 15.56 2.89 -8.10
C LEU A 243 15.12 1.49 -8.43
N THR A 244 16.03 0.58 -8.15
CA THR A 244 15.91 -0.82 -8.51
C THR A 244 15.89 -1.78 -7.33
N ASP A 245 16.07 -1.44 -6.03
CA ASP A 245 16.03 -2.43 -4.97
C ASP A 245 14.57 -2.67 -4.61
N ASN A 246 14.18 -3.65 -3.77
CA ASN A 246 12.80 -3.82 -3.40
C ASN A 246 12.59 -4.29 -1.96
N PRO A 247 11.93 -3.59 -1.01
CA PRO A 247 11.20 -2.32 -1.18
C PRO A 247 12.09 -1.11 -1.47
N ARG A 248 11.40 -0.06 -1.93
CA ARG A 248 12.04 1.18 -2.26
C ARG A 248 11.02 2.28 -2.15
N PRO A 249 11.43 3.50 -1.87
CA PRO A 249 10.66 4.67 -2.18
C PRO A 249 10.51 4.75 -3.69
N ASN A 250 9.50 5.50 -4.06
CA ASN A 250 9.20 5.79 -5.46
C ASN A 250 10.31 6.58 -6.13
N ASP A 251 10.67 6.33 -7.38
CA ASP A 251 11.85 7.00 -7.98
C ASP A 251 11.85 8.54 -7.97
N PRO A 252 12.90 9.20 -7.48
CA PRO A 252 13.07 10.65 -7.55
C PRO A 252 13.25 11.13 -9.00
N THR A 253 13.64 12.40 -9.16
CA THR A 253 13.98 12.89 -10.47
C THR A 253 15.51 12.99 -10.61
N VAL A 254 16.18 13.05 -9.45
CA VAL A 254 17.63 13.10 -9.31
C VAL A 254 17.92 11.96 -8.36
N GLY A 255 18.91 11.12 -8.65
CA GLY A 255 19.18 9.93 -7.85
C GLY A 255 20.39 10.09 -6.96
N LYS A 256 21.25 9.10 -6.63
CA LYS A 256 22.40 9.29 -5.74
C LYS A 256 23.54 8.33 -6.01
N CYS A 257 24.75 8.81 -6.34
CA CYS A 257 25.83 7.91 -6.67
C CYS A 257 26.81 7.65 -5.56
N ASN A 258 26.90 8.40 -4.45
CA ASN A 258 27.97 8.11 -3.49
C ASN A 258 27.48 7.83 -2.11
N ASP A 259 26.16 7.67 -1.99
CA ASP A 259 25.51 7.31 -0.72
C ASP A 259 24.24 6.50 -1.05
N PRO A 260 23.72 5.68 -0.16
CA PRO A 260 22.42 5.11 -0.26
C PRO A 260 21.34 6.14 -0.51
N TYR A 261 20.33 5.74 -1.29
CA TYR A 261 19.26 6.64 -1.56
C TYR A 261 18.27 6.28 -0.49
N PRO A 262 17.98 7.30 0.30
CA PRO A 262 17.24 7.17 1.54
C PRO A 262 15.77 6.79 1.40
N GLY A 263 15.34 5.79 2.14
CA GLY A 263 13.92 5.48 2.13
C GLY A 263 13.65 4.12 2.71
N ASN A 264 14.07 3.00 2.08
CA ASN A 264 13.68 1.76 2.68
C ASN A 264 14.84 0.98 3.17
N ASN A 265 14.79 1.00 4.51
CA ASN A 265 15.90 0.42 5.27
C ASN A 265 15.63 -0.86 6.01
N ASN A 266 16.77 -1.52 6.22
CA ASN A 266 16.90 -2.86 6.73
C ASN A 266 16.34 -3.95 5.83
N ASN A 267 16.29 -3.73 4.50
CA ASN A 267 15.64 -4.64 3.55
C ASN A 267 16.10 -4.36 2.12
N GLY A 268 15.91 -5.40 1.30
CA GLY A 268 16.20 -5.45 -0.14
C GLY A 268 15.89 -6.82 -0.81
N VAL A 269 16.28 -7.05 -2.06
CA VAL A 269 16.12 -8.37 -2.71
C VAL A 269 17.27 -8.40 -3.72
N LYS A 270 17.97 -9.50 -3.85
CA LYS A 270 19.10 -9.58 -4.76
C LYS A 270 18.75 -9.16 -6.17
N GLY A 271 19.67 -8.51 -6.90
CA GLY A 271 19.37 -8.03 -8.26
C GLY A 271 20.63 -7.91 -9.09
N PHE A 272 20.43 -7.48 -10.34
CA PHE A 272 21.52 -7.27 -11.27
C PHE A 272 21.31 -6.05 -12.14
N SER A 273 22.21 -5.83 -13.11
CA SER A 273 22.14 -4.74 -14.08
C SER A 273 23.27 -4.96 -15.07
N TYR A 274 23.15 -4.53 -16.33
CA TYR A 274 24.29 -4.59 -17.23
C TYR A 274 24.57 -3.12 -17.38
N LEU A 275 25.79 -2.78 -16.97
CA LEU A 275 26.28 -1.40 -16.93
C LEU A 275 27.27 -1.11 -18.05
N ASP A 276 26.80 -0.44 -19.10
CA ASP A 276 27.63 -0.22 -20.25
C ASP A 276 27.31 1.04 -21.04
N GLY A 277 27.22 2.21 -20.41
CA GLY A 277 27.01 3.47 -21.10
C GLY A 277 25.65 3.54 -21.74
N GLY A 278 25.64 3.75 -23.05
CA GLY A 278 24.38 3.87 -23.78
C GLY A 278 23.54 2.61 -23.65
N ASN A 279 24.27 1.52 -23.50
CA ASN A 279 23.73 0.19 -23.47
C ASN A 279 23.64 -0.35 -22.07
N THR A 280 23.05 0.44 -21.22
CA THR A 280 22.83 0.02 -19.86
C THR A 280 21.37 -0.38 -19.78
N TRP A 281 21.14 -1.55 -19.17
CA TRP A 281 19.85 -2.12 -18.86
C TRP A 281 19.84 -2.44 -17.37
N LEU A 282 18.78 -2.07 -16.68
CA LEU A 282 18.61 -2.32 -15.24
C LEU A 282 17.34 -3.16 -15.12
N GLY A 283 17.40 -4.04 -14.14
CA GLY A 283 16.24 -4.87 -13.92
C GLY A 283 15.71 -4.42 -12.59
N ARG A 284 14.36 -4.48 -12.43
CA ARG A 284 13.68 -4.20 -11.17
C ARG A 284 12.30 -4.88 -11.05
N THR A 285 11.85 -5.15 -9.82
CA THR A 285 10.49 -5.65 -9.59
C THR A 285 9.57 -4.48 -9.93
N ILE A 286 8.29 -4.67 -10.17
CA ILE A 286 7.49 -3.55 -10.53
C ILE A 286 6.98 -2.98 -9.21
N SER A 287 6.53 -3.81 -8.27
CA SER A 287 6.00 -3.32 -7.03
C SER A 287 7.02 -2.56 -6.20
N ILE A 288 6.67 -1.40 -5.65
CA ILE A 288 7.61 -0.67 -4.80
C ILE A 288 7.71 -1.35 -3.48
N ALA A 289 6.79 -2.26 -3.16
CA ALA A 289 6.81 -2.90 -1.88
C ALA A 289 6.92 -4.40 -1.91
N SER A 290 6.63 -5.15 -2.98
CA SER A 290 6.62 -6.63 -2.94
C SER A 290 7.34 -7.29 -4.15
N ARG A 291 7.81 -8.53 -4.10
CA ARG A 291 8.49 -9.14 -5.21
C ARG A 291 7.40 -9.68 -6.12
N SER A 292 6.79 -8.80 -6.94
CA SER A 292 5.81 -9.16 -7.96
C SER A 292 6.18 -8.35 -9.17
N GLY A 293 6.06 -8.92 -10.36
CA GLY A 293 6.52 -8.31 -11.59
C GLY A 293 8.04 -8.24 -11.72
N TYR A 294 8.54 -8.26 -12.94
CA TYR A 294 9.94 -8.02 -13.21
C TYR A 294 10.04 -7.31 -14.53
N GLU A 295 10.86 -6.26 -14.65
CA GLU A 295 11.00 -5.54 -15.91
C GLU A 295 12.40 -5.14 -16.12
N MET A 296 12.74 -4.92 -17.39
CA MET A 296 14.08 -4.58 -17.81
C MET A 296 13.89 -3.28 -18.50
N LEU A 297 14.67 -2.30 -18.08
CA LEU A 297 14.54 -0.95 -18.56
C LEU A 297 15.89 -0.46 -19.00
N LYS A 298 15.95 0.26 -20.09
CA LYS A 298 17.21 0.71 -20.63
C LYS A 298 17.35 2.13 -20.10
N VAL A 299 18.41 2.37 -19.36
CA VAL A 299 18.59 3.66 -18.74
C VAL A 299 20.01 3.98 -19.10
N PRO A 300 20.26 4.71 -20.19
CA PRO A 300 21.59 5.06 -20.67
C PRO A 300 22.40 5.79 -19.60
N ASN A 301 23.67 5.42 -19.50
CA ASN A 301 24.58 6.02 -18.56
C ASN A 301 24.10 6.13 -17.13
N ALA A 302 23.35 5.12 -16.77
CA ALA A 302 22.78 4.96 -15.47
C ALA A 302 23.74 5.05 -14.32
N LEU A 303 24.90 4.42 -14.51
CA LEU A 303 25.91 4.33 -13.47
C LEU A 303 26.41 5.68 -13.05
N THR A 304 26.73 6.50 -14.05
CA THR A 304 27.30 7.81 -13.90
C THR A 304 26.36 9.03 -13.90
N ASP A 305 25.03 8.96 -14.10
CA ASP A 305 24.25 10.18 -14.28
C ASP A 305 23.22 10.47 -13.22
N ASP A 306 23.11 11.51 -12.36
CA ASP A 306 22.05 11.53 -11.36
C ASP A 306 20.68 11.95 -11.93
N ARG A 307 20.44 11.79 -13.23
CA ARG A 307 19.22 12.21 -13.89
C ARG A 307 18.75 11.18 -14.94
N SER A 308 19.29 9.95 -14.99
CA SER A 308 18.95 8.99 -16.05
C SER A 308 17.61 8.30 -15.97
N LYS A 309 16.65 8.72 -16.77
CA LYS A 309 15.36 8.05 -16.80
C LYS A 309 15.31 7.06 -17.97
N PRO A 310 14.50 6.00 -18.05
CA PRO A 310 14.56 4.95 -19.10
C PRO A 310 14.22 5.34 -20.53
N THR A 311 14.64 4.59 -21.54
CA THR A 311 14.31 4.93 -22.93
C THR A 311 13.70 3.78 -23.73
N GLN A 312 13.57 2.60 -23.15
CA GLN A 312 13.04 1.42 -23.82
C GLN A 312 12.84 0.45 -22.67
N GLY A 313 11.87 -0.45 -22.73
CA GLY A 313 11.72 -1.41 -21.67
C GLY A 313 11.27 -2.75 -22.21
N GLN A 314 11.03 -3.70 -21.32
CA GLN A 314 10.54 -5.01 -21.63
C GLN A 314 10.03 -5.62 -20.34
N THR A 315 8.89 -6.30 -20.45
CA THR A 315 8.23 -6.92 -19.32
C THR A 315 8.52 -8.40 -19.38
N ILE A 316 8.94 -8.80 -18.20
CA ILE A 316 9.34 -10.15 -18.04
C ILE A 316 8.27 -10.90 -17.26
N VAL A 317 7.83 -10.41 -16.09
CA VAL A 317 6.87 -11.11 -15.26
C VAL A 317 5.84 -10.03 -15.02
N LEU A 318 4.53 -10.24 -15.20
CA LEU A 318 3.56 -9.17 -14.92
C LEU A 318 3.49 -8.78 -13.44
N ASN A 319 2.96 -7.60 -13.08
CA ASN A 319 2.84 -7.26 -11.66
C ASN A 319 1.87 -8.12 -10.86
N THR A 320 0.93 -8.77 -11.58
CA THR A 320 0.00 -9.75 -11.01
C THR A 320 0.68 -11.13 -10.84
N ASP A 321 1.99 -11.34 -11.08
CA ASP A 321 2.63 -12.63 -10.93
C ASP A 321 3.79 -12.53 -9.92
N TRP A 322 4.46 -13.55 -9.33
CA TRP A 322 5.45 -13.27 -8.31
C TRP A 322 6.83 -13.42 -8.89
N SER A 323 7.79 -12.72 -8.37
CA SER A 323 9.11 -12.81 -8.88
C SER A 323 10.03 -13.08 -7.71
N GLY A 324 11.17 -12.43 -7.56
CA GLY A 324 12.08 -12.73 -6.50
C GLY A 324 13.45 -12.26 -6.84
N TYR A 325 14.40 -13.09 -6.49
CA TYR A 325 15.79 -12.83 -6.75
C TYR A 325 16.15 -12.74 -8.22
N SER A 326 17.09 -11.92 -8.67
CA SER A 326 17.57 -12.04 -10.05
C SER A 326 19.07 -11.88 -10.10
N GLY A 327 19.80 -12.27 -11.13
CA GLY A 327 21.25 -12.11 -11.20
C GLY A 327 21.69 -12.29 -12.64
N SER A 328 22.92 -11.93 -12.92
CA SER A 328 23.51 -12.05 -14.23
C SER A 328 24.33 -13.31 -14.29
N PHE A 329 24.32 -13.81 -15.53
CA PHE A 329 25.18 -14.91 -16.02
C PHE A 329 25.42 -14.68 -17.53
N MET A 330 26.40 -15.30 -18.20
CA MET A 330 26.75 -15.13 -19.62
C MET A 330 27.40 -16.45 -20.06
N ASP A 331 27.43 -16.79 -21.36
CA ASP A 331 28.13 -17.99 -21.75
C ASP A 331 29.45 -17.48 -22.29
N TYR A 332 30.47 -17.46 -21.44
CA TYR A 332 31.79 -17.01 -21.86
C TYR A 332 32.44 -17.82 -22.98
N TRP A 333 31.93 -19.04 -23.22
CA TRP A 333 32.48 -19.90 -24.24
C TRP A 333 31.53 -19.97 -25.42
N ALA A 334 30.62 -18.99 -25.50
CA ALA A 334 29.74 -18.91 -26.63
C ALA A 334 30.51 -18.14 -27.69
N GLU A 335 30.61 -18.88 -28.82
CA GLU A 335 31.22 -18.37 -30.05
C GLU A 335 30.45 -17.13 -30.56
N GLY A 336 31.16 -16.01 -30.66
CA GLY A 336 30.59 -14.77 -31.15
C GLY A 336 31.65 -13.70 -31.34
N GLU A 337 31.25 -12.47 -31.57
CA GLU A 337 32.13 -11.30 -31.62
C GLU A 337 32.03 -10.74 -30.22
N CYS A 338 31.02 -11.13 -29.44
CA CYS A 338 30.69 -10.47 -28.20
C CYS A 338 29.91 -11.37 -27.25
N TYR A 339 29.76 -10.81 -26.06
CA TYR A 339 29.07 -11.48 -24.96
C TYR A 339 27.62 -11.06 -24.99
N ARG A 340 26.83 -12.14 -25.15
CA ARG A 340 25.37 -12.19 -25.10
C ARG A 340 24.99 -11.86 -23.64
N ALA A 341 24.15 -10.88 -23.34
CA ALA A 341 23.90 -10.64 -21.94
C ALA A 341 22.61 -11.35 -21.45
N CYS A 342 22.75 -12.12 -20.37
CA CYS A 342 21.68 -12.91 -19.77
C CYS A 342 21.50 -12.68 -18.29
N PHE A 343 20.29 -13.01 -17.90
CA PHE A 343 19.91 -12.88 -16.53
C PHE A 343 18.94 -13.97 -16.21
N TYR A 344 18.73 -14.21 -14.92
CA TYR A 344 17.68 -15.13 -14.54
C TYR A 344 16.74 -14.44 -13.57
N VAL A 345 15.47 -14.84 -13.45
CA VAL A 345 14.60 -14.37 -12.39
C VAL A 345 14.06 -15.64 -11.78
N GLU A 346 14.20 -15.65 -10.47
CA GLU A 346 13.66 -16.64 -9.58
C GLU A 346 12.17 -16.37 -9.36
N LEU A 347 11.26 -17.32 -9.31
CA LEU A 347 9.85 -17.03 -9.18
C LEU A 347 9.39 -17.76 -7.93
N ILE A 348 9.35 -17.04 -6.81
CA ILE A 348 9.02 -17.62 -5.52
C ILE A 348 7.56 -18.00 -5.48
N ARG A 349 7.25 -19.16 -4.91
CA ARG A 349 5.89 -19.58 -4.63
C ARG A 349 5.90 -20.19 -3.24
N GLY A 350 4.90 -19.83 -2.44
CA GLY A 350 4.71 -20.41 -1.12
C GLY A 350 4.57 -19.33 -0.08
N ARG A 351 5.03 -19.73 1.07
CA ARG A 351 5.05 -18.84 2.21
C ARG A 351 6.09 -17.75 2.08
N PRO A 352 5.84 -16.51 2.52
CA PRO A 352 4.72 -16.13 3.35
C PRO A 352 3.45 -15.70 2.67
N LYS A 353 3.48 -15.25 1.41
CA LYS A 353 2.29 -14.68 0.78
C LYS A 353 1.19 -15.64 0.33
N GLU A 354 1.51 -16.92 0.10
CA GLU A 354 0.60 -17.96 -0.32
C GLU A 354 0.75 -18.95 0.84
N ASP A 355 0.23 -18.57 1.98
CA ASP A 355 0.47 -19.40 3.16
C ASP A 355 -0.53 -20.52 3.33
N LYS A 356 -1.38 -20.73 2.31
CA LYS A 356 -2.28 -21.86 2.32
C LYS A 356 -1.52 -23.18 2.18
N VAL A 357 -0.25 -23.09 1.82
CA VAL A 357 0.60 -24.25 1.76
C VAL A 357 1.62 -23.89 2.82
N TRP A 358 2.32 -24.87 3.34
CA TRP A 358 3.32 -24.63 4.34
C TRP A 358 4.76 -24.67 3.76
N TRP A 359 5.01 -24.67 2.45
CA TRP A 359 6.34 -24.77 1.88
C TRP A 359 6.61 -23.49 1.16
N THR A 360 7.85 -23.07 1.00
CA THR A 360 8.14 -21.98 0.08
C THR A 360 8.87 -22.72 -1.05
N SER A 361 8.96 -22.25 -2.29
CA SER A 361 9.73 -22.91 -3.33
C SER A 361 9.80 -21.94 -4.48
N ASN A 362 10.27 -22.35 -5.65
CA ASN A 362 10.38 -21.43 -6.75
C ASN A 362 10.60 -22.21 -8.02
N SER A 363 10.44 -21.49 -9.11
CA SER A 363 10.87 -21.94 -10.43
C SER A 363 11.80 -20.84 -10.95
N ILE A 364 12.20 -20.88 -12.22
CA ILE A 364 13.18 -20.01 -12.86
C ILE A 364 12.70 -19.65 -14.28
N VAL A 365 13.03 -18.43 -14.70
CA VAL A 365 12.85 -17.95 -16.07
C VAL A 365 14.25 -17.44 -16.37
N SER A 366 14.81 -17.48 -17.58
CA SER A 366 16.06 -16.80 -17.82
C SER A 366 15.91 -16.30 -19.24
N MET A 367 16.57 -15.18 -19.51
CA MET A 367 16.60 -14.50 -20.80
C MET A 367 18.04 -14.24 -21.17
N CYS A 368 18.27 -14.07 -22.46
CA CYS A 368 19.55 -13.59 -22.94
C CYS A 368 19.19 -12.48 -23.90
N SER A 369 20.13 -11.67 -24.40
CA SER A 369 19.75 -10.55 -25.23
C SER A 369 19.87 -10.84 -26.69
N SER A 370 19.05 -10.13 -27.42
CA SER A 370 19.01 -10.14 -28.85
C SER A 370 19.22 -8.72 -29.31
N THR A 371 19.73 -8.54 -30.50
CA THR A 371 19.99 -7.24 -31.12
C THR A 371 18.78 -6.79 -31.97
N GLU A 372 17.96 -7.78 -32.35
CA GLU A 372 16.71 -7.57 -33.04
C GLU A 372 15.85 -6.94 -31.98
N PHE A 373 14.76 -6.28 -32.34
CA PHE A 373 13.91 -5.75 -31.31
C PHE A 373 12.72 -6.68 -31.23
N LEU A 374 12.85 -7.82 -30.57
CA LEU A 374 11.77 -8.78 -30.53
C LEU A 374 10.59 -8.39 -29.68
N GLY A 375 9.46 -9.04 -29.94
CA GLY A 375 8.24 -8.83 -29.19
C GLY A 375 8.42 -9.39 -27.81
N GLN A 376 7.64 -8.93 -26.85
CA GLN A 376 7.71 -9.43 -25.47
C GLN A 376 6.53 -10.31 -25.05
N TRP A 377 6.77 -11.30 -24.18
CA TRP A 377 5.69 -12.03 -23.56
C TRP A 377 5.94 -11.87 -22.08
N ASN A 378 5.11 -12.41 -21.22
CA ASN A 378 5.28 -12.31 -19.78
C ASN A 378 5.15 -13.74 -19.31
N TRP A 379 6.00 -14.29 -18.50
CA TRP A 379 6.38 -15.67 -18.13
C TRP A 379 6.17 -15.99 -16.64
N PRO A 380 4.93 -16.39 -16.36
CA PRO A 380 4.42 -16.88 -15.06
C PRO A 380 4.98 -18.21 -14.63
N ASP A 381 5.23 -18.35 -13.34
CA ASP A 381 5.63 -19.63 -12.77
C ASP A 381 4.60 -20.62 -13.30
N GLY A 382 3.36 -20.30 -12.97
CA GLY A 382 2.24 -21.06 -13.49
C GLY A 382 1.46 -21.98 -12.54
N ALA A 383 1.87 -22.33 -11.37
CA ALA A 383 1.04 -23.30 -10.61
C ALA A 383 -0.13 -22.68 -9.87
N LYS A 384 -1.12 -23.51 -9.60
CA LYS A 384 -2.33 -23.09 -8.87
C LYS A 384 -2.22 -23.62 -7.44
N ILE A 385 -1.98 -22.69 -6.49
CA ILE A 385 -1.80 -23.07 -5.07
C ILE A 385 -2.97 -23.87 -4.58
N GLU A 386 -3.98 -23.99 -5.40
CA GLU A 386 -5.13 -24.73 -4.95
C GLU A 386 -5.06 -26.18 -5.33
N TYR A 387 -4.13 -26.62 -6.08
CA TYR A 387 -4.15 -28.05 -6.32
C TYR A 387 -3.22 -28.78 -5.36
N PHE A 388 -2.73 -28.14 -4.41
CA PHE A 388 -1.80 -28.78 -3.51
C PHE A 388 -2.42 -29.01 -2.15
N LEU A 389 -3.71 -28.65 -2.12
CA LEU A 389 -4.59 -28.69 -0.92
C LEU A 389 -5.48 -29.93 -0.97
N ASP B 1 -5.34 -15.45 11.02
CA ASP B 1 -5.34 -14.08 10.55
C ASP B 1 -4.54 -13.33 11.61
N ILE B 2 -3.90 -12.27 11.15
CA ILE B 2 -3.03 -11.45 11.98
C ILE B 2 -4.05 -10.45 12.48
N VAL B 3 -3.85 -9.84 13.63
CA VAL B 3 -4.84 -9.02 14.29
C VAL B 3 -4.13 -7.77 14.75
N MET B 4 -4.60 -6.66 14.18
CA MET B 4 -4.06 -5.33 14.44
C MET B 4 -4.98 -4.71 15.46
N THR B 5 -4.36 -4.18 16.48
CA THR B 5 -5.12 -3.71 17.61
C THR B 5 -4.68 -2.24 17.74
N GLN B 6 -5.66 -1.34 17.75
CA GLN B 6 -5.36 0.07 17.87
C GLN B 6 -6.04 0.61 19.11
N SER B 7 -5.19 1.13 19.95
CA SER B 7 -5.63 1.66 21.22
C SER B 7 -4.57 2.69 21.52
N PRO B 8 -4.94 3.94 21.86
CA PRO B 8 -6.34 4.37 21.94
C PRO B 8 -7.08 4.72 20.63
N LYS B 9 -8.39 4.77 20.80
CA LYS B 9 -9.37 5.12 19.78
C LYS B 9 -9.50 6.61 19.46
N PHE B 10 -9.19 7.53 20.38
CA PHE B 10 -9.31 8.96 20.13
C PHE B 10 -8.02 9.59 20.64
N MET B 11 -7.59 10.69 20.02
CA MET B 11 -6.37 11.36 20.40
C MET B 11 -6.56 12.84 20.24
N SER B 12 -6.14 13.63 21.18
CA SER B 12 -6.29 15.05 21.00
C SER B 12 -4.89 15.56 21.19
N THR B 13 -4.51 16.48 20.28
CA THR B 13 -3.23 17.18 20.31
C THR B 13 -3.52 18.57 19.82
N SER B 14 -2.71 19.50 20.23
CA SER B 14 -2.82 20.89 19.83
C SER B 14 -2.09 21.20 18.51
N VAL B 15 -2.40 22.32 17.89
CA VAL B 15 -1.92 22.68 16.55
C VAL B 15 -0.45 23.00 16.62
N GLY B 16 0.41 22.26 15.99
CA GLY B 16 1.82 22.57 16.09
C GLY B 16 2.54 21.53 16.91
N ASP B 17 1.82 20.71 17.65
CA ASP B 17 2.45 19.70 18.44
C ASP B 17 2.58 18.35 17.77
N ARG B 18 3.00 17.38 18.61
CA ARG B 18 3.21 15.99 18.25
C ARG B 18 2.05 15.15 18.73
N VAL B 19 1.74 14.10 18.00
CA VAL B 19 0.80 13.07 18.41
C VAL B 19 1.47 11.80 17.90
N THR B 20 1.06 10.67 18.37
CA THR B 20 1.66 9.45 17.90
C THR B 20 0.53 8.46 18.00
N ILE B 21 0.40 7.61 17.01
CA ILE B 21 -0.69 6.67 17.04
C ILE B 21 -0.05 5.30 17.17
N THR B 22 -0.50 4.49 18.11
CA THR B 22 0.08 3.16 18.32
C THR B 22 -0.77 2.05 17.71
N CYS B 23 -0.06 1.17 16.99
CA CYS B 23 -0.66 -0.01 16.38
C CYS B 23 0.14 -1.24 16.80
N LYS B 24 -0.57 -2.35 16.92
CA LYS B 24 0.08 -3.59 17.29
C LYS B 24 -0.63 -4.80 16.70
N ALA B 25 0.21 -5.71 16.24
CA ALA B 25 -0.18 -6.95 15.60
C ALA B 25 -0.08 -8.08 16.62
N SER B 26 -0.74 -9.19 16.29
CA SER B 26 -0.68 -10.38 17.12
C SER B 26 0.45 -11.40 16.86
N GLN B 27 1.50 -11.03 16.12
CA GLN B 27 2.73 -11.80 15.97
C GLN B 27 3.68 -10.91 15.18
N ASP B 28 4.98 -11.20 15.20
CA ASP B 28 5.95 -10.42 14.43
C ASP B 28 5.54 -10.45 12.96
N VAL B 29 5.15 -9.26 12.52
CA VAL B 29 4.68 -9.01 11.16
C VAL B 29 5.82 -8.42 10.31
N SER B 30 7.03 -8.59 10.85
CA SER B 30 8.26 -8.16 10.22
C SER B 30 8.28 -6.85 9.39
N THR B 31 7.73 -5.85 10.09
CA THR B 31 7.67 -4.47 9.62
C THR B 31 6.71 -4.21 8.47
N ALA B 32 6.00 -5.19 7.95
CA ALA B 32 5.06 -4.97 6.86
C ALA B 32 3.80 -4.30 7.42
N VAL B 33 3.87 -3.00 7.72
CA VAL B 33 2.80 -2.14 8.23
C VAL B 33 2.60 -0.92 7.31
N VAL B 34 1.34 -0.65 6.99
CA VAL B 34 0.92 0.44 6.11
C VAL B 34 0.07 1.28 7.06
N TRP B 35 0.04 2.59 6.84
CA TRP B 35 -0.84 3.50 7.59
C TRP B 35 -1.75 4.26 6.62
N TYR B 36 -3.07 4.21 6.70
CA TYR B 36 -3.90 5.08 5.89
C TYR B 36 -4.46 6.14 6.84
N GLN B 37 -4.90 7.18 6.17
CA GLN B 37 -5.51 8.33 6.78
C GLN B 37 -6.85 8.44 6.11
N GLN B 38 -7.96 8.57 6.81
CA GLN B 38 -9.22 8.77 6.14
C GLN B 38 -9.75 10.10 6.62
N LYS B 39 -9.73 11.02 5.68
CA LYS B 39 -10.21 12.40 5.91
C LYS B 39 -11.74 12.40 6.00
N PRO B 40 -12.42 13.21 6.81
CA PRO B 40 -13.85 13.00 7.10
C PRO B 40 -14.61 13.35 5.83
N GLY B 41 -15.28 12.26 5.48
CA GLY B 41 -16.08 12.15 4.28
C GLY B 41 -15.18 12.15 3.06
N GLN B 42 -14.19 11.25 3.06
CA GLN B 42 -13.26 11.08 1.95
C GLN B 42 -12.80 9.65 2.02
N SER B 43 -12.01 9.30 1.04
CA SER B 43 -11.43 7.97 0.95
C SER B 43 -10.10 7.99 1.70
N PRO B 44 -9.58 6.84 2.12
CA PRO B 44 -8.23 6.75 2.62
C PRO B 44 -7.14 7.07 1.59
N LYS B 45 -6.05 7.64 2.12
CA LYS B 45 -4.84 7.95 1.42
C LYS B 45 -3.83 7.10 2.20
N LEU B 46 -2.99 6.42 1.44
CA LEU B 46 -1.87 5.62 1.93
C LEU B 46 -0.79 6.64 2.29
N LEU B 47 -0.32 6.64 3.52
CA LEU B 47 0.68 7.58 3.94
C LEU B 47 2.04 6.90 3.91
N ILE B 48 2.12 5.76 4.59
CA ILE B 48 3.34 5.02 4.82
C ILE B 48 3.06 3.55 4.52
N TYR B 49 4.08 2.83 4.08
CA TYR B 49 4.07 1.40 3.88
C TYR B 49 5.38 0.94 4.50
N TRP B 50 5.59 -0.37 4.71
CA TRP B 50 6.75 -0.97 5.32
C TRP B 50 7.20 -0.30 6.59
N ALA B 51 6.19 0.08 7.37
CA ALA B 51 6.26 0.76 8.66
C ALA B 51 6.69 2.23 8.58
N SER B 52 7.71 2.52 7.79
CA SER B 52 8.28 3.83 7.64
C SER B 52 8.49 4.42 6.29
N THR B 53 8.13 3.83 5.16
CA THR B 53 8.42 4.52 3.92
C THR B 53 7.19 5.29 3.45
N ARG B 54 7.35 6.62 3.26
CA ARG B 54 6.26 7.44 2.74
C ARG B 54 5.91 7.23 1.28
N HIS B 55 4.62 7.27 1.06
CA HIS B 55 4.12 7.11 -0.30
C HIS B 55 4.29 8.47 -0.96
N ILE B 56 4.01 8.52 -2.27
CA ILE B 56 4.44 9.64 -3.06
C ILE B 56 3.60 10.85 -2.74
N GLY B 57 4.28 11.63 -1.92
CA GLY B 57 3.83 12.96 -1.59
C GLY B 57 3.21 13.09 -0.21
N VAL B 58 3.45 12.21 0.76
CA VAL B 58 2.91 12.53 2.07
C VAL B 58 4.07 13.28 2.70
N PRO B 59 3.90 14.58 3.03
CA PRO B 59 4.97 15.40 3.55
C PRO B 59 5.57 14.86 4.85
N ASP B 60 6.90 14.82 4.92
CA ASP B 60 7.69 14.33 6.06
C ASP B 60 7.26 14.57 7.51
N ARG B 61 6.16 15.26 7.79
CA ARG B 61 5.63 15.38 9.12
C ARG B 61 5.27 14.06 9.74
N PHE B 62 4.87 13.16 8.84
CA PHE B 62 4.39 11.81 9.15
C PHE B 62 5.59 10.91 9.13
N ALA B 63 5.77 10.30 10.27
CA ALA B 63 6.91 9.45 10.53
C ALA B 63 6.39 8.12 11.03
N GLY B 64 6.50 7.17 10.12
CA GLY B 64 6.17 5.81 10.49
C GLY B 64 7.29 5.19 11.30
N SER B 65 7.00 4.18 12.12
CA SER B 65 7.98 3.44 12.89
C SER B 65 7.54 2.06 13.43
N GLY B 66 8.52 1.39 14.03
CA GLY B 66 8.19 0.18 14.74
C GLY B 66 8.98 -1.03 14.27
N SER B 67 8.57 -2.15 14.86
CA SER B 67 9.22 -3.43 14.75
C SER B 67 8.31 -4.52 15.32
N GLY B 68 8.58 -5.80 15.03
CA GLY B 68 7.91 -6.90 15.71
C GLY B 68 6.41 -6.85 15.69
N THR B 69 5.77 -6.76 16.86
CA THR B 69 4.32 -6.61 17.01
C THR B 69 3.96 -5.17 17.38
N ASP B 70 4.92 -4.25 17.56
CA ASP B 70 4.63 -2.92 18.04
C ASP B 70 5.18 -1.84 17.11
N TYR B 71 4.25 -1.07 16.57
CA TYR B 71 4.48 -0.03 15.58
C TYR B 71 3.81 1.23 16.06
N THR B 72 4.20 2.40 15.53
CA THR B 72 3.60 3.68 15.89
C THR B 72 3.70 4.71 14.75
N LEU B 73 2.74 5.61 14.52
CA LEU B 73 2.84 6.65 13.50
C LEU B 73 2.89 8.02 14.15
N THR B 74 3.99 8.72 14.09
CA THR B 74 4.11 10.06 14.66
C THR B 74 3.73 11.18 13.64
N ILE B 75 3.06 12.28 14.04
CA ILE B 75 2.77 13.41 13.15
C ILE B 75 3.29 14.57 13.97
N SER B 76 4.00 15.52 13.33
CA SER B 76 4.45 16.77 13.99
C SER B 76 3.85 18.01 13.34
N SER B 77 3.96 19.15 14.01
CA SER B 77 3.40 20.42 13.57
C SER B 77 1.97 20.30 13.05
N VAL B 78 1.22 19.57 13.89
CA VAL B 78 -0.14 19.23 13.61
C VAL B 78 -1.00 20.44 13.24
N GLN B 79 -1.59 20.17 12.09
CA GLN B 79 -2.33 21.10 11.28
C GLN B 79 -3.81 20.95 11.63
N ALA B 80 -4.63 21.99 11.58
CA ALA B 80 -6.05 21.83 11.83
C ALA B 80 -6.66 20.94 10.77
N GLU B 81 -5.99 20.65 9.65
CA GLU B 81 -6.56 19.75 8.68
C GLU B 81 -5.96 18.36 8.89
N ASP B 82 -5.43 18.03 10.07
CA ASP B 82 -4.89 16.68 10.23
C ASP B 82 -5.85 15.68 10.80
N LEU B 83 -7.01 16.27 11.09
CA LEU B 83 -8.15 15.63 11.65
C LEU B 83 -8.59 14.59 10.66
N ALA B 84 -8.56 13.37 11.15
CA ALA B 84 -8.94 12.23 10.35
C ALA B 84 -8.83 11.00 11.24
N LEU B 85 -9.33 9.92 10.64
CA LEU B 85 -9.29 8.58 11.19
C LEU B 85 -8.09 7.87 10.60
N TYR B 86 -7.17 7.45 11.45
CA TYR B 86 -5.92 6.83 11.06
C TYR B 86 -5.99 5.33 11.28
N TYR B 87 -5.61 4.49 10.30
CA TYR B 87 -5.76 3.03 10.42
C TYR B 87 -4.47 2.31 10.14
N CYS B 88 -4.01 1.26 10.84
CA CYS B 88 -2.90 0.52 10.23
C CYS B 88 -3.40 -0.73 9.52
N GLN B 89 -2.98 -0.98 8.31
CA GLN B 89 -3.28 -2.25 7.64
C GLN B 89 -2.00 -3.02 7.86
N GLN B 90 -2.02 -4.32 7.83
CA GLN B 90 -0.75 -5.03 7.82
C GLN B 90 -0.59 -5.58 6.42
N HIS B 91 0.63 -5.89 5.95
CA HIS B 91 0.84 -6.39 4.59
C HIS B 91 1.87 -7.50 4.41
N TYR B 92 1.95 -8.39 5.39
CA TYR B 92 2.84 -9.54 5.42
C TYR B 92 2.24 -10.84 4.85
N SER B 93 1.11 -11.26 5.41
CA SER B 93 0.42 -12.51 5.04
C SER B 93 -0.97 -12.16 4.58
N PRO B 94 -1.69 -12.87 3.74
CA PRO B 94 -3.11 -12.65 3.61
C PRO B 94 -3.84 -13.19 4.81
N PRO B 95 -5.10 -12.75 5.08
CA PRO B 95 -5.70 -11.59 4.44
C PRO B 95 -5.18 -10.34 5.14
N TRP B 96 -5.18 -9.26 4.36
CA TRP B 96 -4.63 -7.98 4.81
C TRP B 96 -5.64 -7.41 5.82
N THR B 97 -5.32 -7.47 7.13
CA THR B 97 -6.13 -7.01 8.27
C THR B 97 -5.82 -5.57 8.76
N PHE B 98 -6.84 -4.77 9.04
CA PHE B 98 -6.70 -3.37 9.42
C PHE B 98 -6.76 -3.21 10.96
N GLY B 99 -6.75 -2.00 11.46
CA GLY B 99 -6.90 -1.74 12.88
C GLY B 99 -8.24 -1.01 13.07
N GLY B 100 -8.57 -0.67 14.31
CA GLY B 100 -9.83 -0.01 14.60
C GLY B 100 -9.85 1.49 14.25
N GLY B 101 -8.67 2.06 13.93
CA GLY B 101 -8.61 3.50 13.73
C GLY B 101 -8.38 4.27 15.00
N THR B 102 -7.91 5.46 14.77
CA THR B 102 -7.75 6.39 15.84
C THR B 102 -8.14 7.74 15.20
N LYS B 103 -9.03 8.45 15.89
CA LYS B 103 -9.55 9.73 15.49
C LYS B 103 -8.57 10.69 16.09
N LEU B 104 -7.90 11.56 15.32
CA LEU B 104 -7.01 12.58 15.91
C LEU B 104 -7.81 13.86 15.84
N GLU B 105 -8.22 14.29 17.06
CA GLU B 105 -8.94 15.51 17.36
C GLU B 105 -7.89 16.60 17.62
N ILE B 106 -8.26 17.84 17.28
CA ILE B 106 -7.39 19.00 17.47
C ILE B 106 -7.83 19.76 18.72
N LYS B 107 -7.02 19.81 19.77
CA LYS B 107 -7.26 20.61 20.97
C LYS B 107 -7.15 22.08 20.57
N ARG B 108 -8.10 22.89 20.97
CA ARG B 108 -8.33 24.26 20.48
C ARG B 108 -8.45 25.15 21.71
N ALA B 109 -8.63 26.44 21.59
CA ALA B 109 -8.90 27.26 22.78
C ALA B 109 -10.39 27.15 23.06
N ASP B 110 -10.92 27.39 24.26
CA ASP B 110 -12.36 27.30 24.41
C ASP B 110 -13.09 28.46 23.76
N ALA B 111 -14.21 28.07 23.19
CA ALA B 111 -15.07 28.90 22.40
C ALA B 111 -16.44 28.57 22.87
N ALA B 112 -17.28 29.59 22.90
CA ALA B 112 -18.62 29.46 23.45
C ALA B 112 -19.62 29.55 22.32
N PRO B 113 -20.74 28.82 22.52
CA PRO B 113 -21.71 28.66 21.47
C PRO B 113 -22.47 29.93 21.12
N THR B 114 -22.85 29.95 19.84
CA THR B 114 -23.72 30.93 19.22
C THR B 114 -25.04 30.18 19.01
N VAL B 115 -26.04 30.54 19.81
CA VAL B 115 -27.30 29.82 20.01
C VAL B 115 -28.44 30.50 19.23
N SER B 116 -29.21 29.79 18.42
CA SER B 116 -30.27 30.39 17.65
C SER B 116 -31.48 29.52 17.76
N ILE B 117 -32.60 30.05 18.30
CA ILE B 117 -33.82 29.28 18.44
C ILE B 117 -34.64 29.81 17.27
N PHE B 118 -35.34 28.87 16.65
CA PHE B 118 -36.16 29.22 15.51
C PHE B 118 -37.57 28.75 15.73
N PRO B 119 -38.56 29.63 15.62
CA PRO B 119 -39.97 29.30 15.41
C PRO B 119 -40.29 28.32 14.27
N PRO B 120 -41.34 27.53 14.48
CA PRO B 120 -42.04 26.84 13.42
C PRO B 120 -42.39 27.73 12.27
N SER B 121 -42.12 27.22 11.10
CA SER B 121 -42.40 27.85 9.82
C SER B 121 -43.91 27.88 9.59
N SER B 122 -44.50 28.94 9.05
CA SER B 122 -45.93 28.96 8.87
C SER B 122 -46.39 27.76 8.02
N GLU B 123 -45.61 27.46 6.98
CA GLU B 123 -45.91 26.35 6.09
C GLU B 123 -45.86 25.03 6.83
N GLN B 124 -44.96 24.83 7.79
CA GLN B 124 -45.02 23.60 8.55
C GLN B 124 -46.28 23.58 9.42
N LEU B 125 -46.59 24.75 10.01
CA LEU B 125 -47.76 24.92 10.84
C LEU B 125 -49.00 24.61 10.03
N THR B 126 -49.00 24.94 8.74
CA THR B 126 -50.09 24.63 7.83
C THR B 126 -50.26 23.12 7.73
N SER B 127 -49.16 22.37 7.82
CA SER B 127 -49.26 20.93 7.69
C SER B 127 -49.58 20.28 9.03
N GLY B 128 -49.88 21.07 10.05
CA GLY B 128 -50.35 20.52 11.30
C GLY B 128 -49.23 20.08 12.25
N GLY B 129 -47.96 20.37 11.90
CA GLY B 129 -46.83 20.05 12.75
C GLY B 129 -46.00 21.29 13.01
N ALA B 130 -45.31 21.37 14.12
CA ALA B 130 -44.46 22.50 14.47
C ALA B 130 -43.07 21.94 14.71
N SER B 131 -41.96 22.63 14.41
CA SER B 131 -40.63 22.20 14.81
C SER B 131 -39.83 23.42 15.29
N VAL B 132 -39.32 23.36 16.50
CA VAL B 132 -38.52 24.45 17.00
C VAL B 132 -37.08 23.95 16.73
N VAL B 133 -36.20 24.82 16.23
CA VAL B 133 -34.86 24.45 15.80
C VAL B 133 -33.90 25.39 16.50
N CYS B 134 -33.11 24.75 17.32
CA CYS B 134 -32.07 25.45 18.00
C CYS B 134 -30.76 25.04 17.32
N PHE B 135 -29.95 26.05 16.98
CA PHE B 135 -28.65 25.93 16.38
C PHE B 135 -27.63 26.32 17.45
N LEU B 136 -26.63 25.52 17.71
CA LEU B 136 -25.55 25.89 18.64
C LEU B 136 -24.19 25.77 17.92
N ASN B 137 -23.76 26.86 17.32
CA ASN B 137 -22.59 26.86 16.49
C ASN B 137 -21.34 27.36 17.14
N ASN B 138 -20.29 26.69 16.69
CA ASN B 138 -18.90 27.06 16.98
C ASN B 138 -18.40 27.13 18.41
N PHE B 139 -18.67 26.04 19.12
CA PHE B 139 -18.28 25.87 20.50
C PHE B 139 -17.13 24.87 20.51
N TYR B 140 -16.38 24.93 21.61
CA TYR B 140 -15.20 24.14 21.90
C TYR B 140 -14.95 24.30 23.39
N PRO B 141 -14.86 23.30 24.28
CA PRO B 141 -14.98 21.86 24.06
C PRO B 141 -16.14 21.25 23.33
N LYS B 142 -15.99 19.95 23.17
CA LYS B 142 -16.93 19.12 22.48
C LYS B 142 -18.31 19.08 23.13
N ASP B 143 -18.34 19.00 24.46
CA ASP B 143 -19.53 18.68 25.24
C ASP B 143 -20.37 19.88 25.67
N ILE B 144 -21.64 19.85 25.24
CA ILE B 144 -22.59 20.88 25.57
C ILE B 144 -23.90 20.14 25.79
N ASN B 145 -24.61 20.29 26.89
CA ASN B 145 -25.90 19.63 27.02
C ASN B 145 -27.00 20.62 26.65
N VAL B 146 -27.99 20.23 25.85
CA VAL B 146 -29.02 21.17 25.56
C VAL B 146 -30.30 20.54 26.13
N LYS B 147 -31.16 21.30 26.82
CA LYS B 147 -32.44 20.82 27.34
C LYS B 147 -33.51 21.70 26.69
N TRP B 148 -34.69 21.16 26.49
CA TRP B 148 -35.76 21.98 25.95
C TRP B 148 -36.72 22.30 27.08
N LYS B 149 -37.37 23.47 27.09
CA LYS B 149 -38.31 23.83 28.14
C LYS B 149 -39.45 24.57 27.54
N ILE B 150 -40.55 23.85 27.56
CA ILE B 150 -41.79 24.36 27.03
C ILE B 150 -42.52 24.77 28.29
N ASP B 151 -42.67 26.08 28.41
CA ASP B 151 -43.33 26.69 29.54
C ASP B 151 -42.79 26.21 30.90
N GLY B 152 -41.45 26.23 31.10
CA GLY B 152 -40.81 25.86 32.38
C GLY B 152 -40.68 24.35 32.55
N SER B 153 -41.55 23.62 31.89
CA SER B 153 -41.55 22.18 31.92
C SER B 153 -40.46 21.83 30.92
N GLU B 154 -39.44 21.15 31.49
CA GLU B 154 -38.37 20.53 30.71
C GLU B 154 -39.01 19.57 29.68
N ARG B 155 -38.80 19.73 28.39
CA ARG B 155 -39.25 18.77 27.43
C ARG B 155 -38.08 17.79 27.34
N GLN B 156 -38.29 16.49 27.48
CA GLN B 156 -37.19 15.57 27.37
C GLN B 156 -37.49 14.55 26.30
N ASN B 157 -38.61 14.73 25.60
CA ASN B 157 -39.03 13.79 24.56
C ASN B 157 -39.39 14.54 23.29
N GLY B 158 -38.96 14.01 22.11
CA GLY B 158 -39.29 14.58 20.80
C GLY B 158 -38.18 15.36 20.07
N VAL B 159 -36.96 15.21 20.58
CA VAL B 159 -35.83 16.00 20.17
C VAL B 159 -34.84 15.17 19.38
N LEU B 160 -34.39 15.64 18.22
CA LEU B 160 -33.38 14.92 17.49
C LEU B 160 -32.19 15.85 17.64
N ASN B 161 -31.05 15.19 17.86
CA ASN B 161 -29.83 15.89 18.15
C ASN B 161 -28.69 15.60 17.19
N SER B 162 -28.31 16.51 16.28
CA SER B 162 -27.21 16.30 15.36
C SER B 162 -26.03 17.23 15.62
N TRP B 163 -24.85 16.63 15.55
CA TRP B 163 -23.62 17.35 15.82
C TRP B 163 -22.83 17.30 14.54
N THR B 164 -22.19 18.38 14.24
CA THR B 164 -21.22 18.44 13.15
C THR B 164 -19.95 17.75 13.66
N ASP B 165 -19.12 17.26 12.72
CA ASP B 165 -17.83 16.66 13.04
C ASP B 165 -16.84 17.75 13.44
N GLN B 166 -15.55 17.51 13.72
CA GLN B 166 -14.76 18.65 14.14
C GLN B 166 -14.38 19.41 12.88
N ASP B 167 -14.45 20.72 13.00
CA ASP B 167 -14.04 21.54 11.89
C ASP B 167 -12.53 21.63 11.78
N SER B 168 -12.19 21.54 10.51
CA SER B 168 -10.84 21.55 10.02
C SER B 168 -10.48 22.93 9.52
N LYS B 169 -10.99 23.99 10.11
CA LYS B 169 -10.53 25.33 9.80
C LYS B 169 -10.53 25.82 11.23
N ASP B 170 -11.56 26.44 11.79
CA ASP B 170 -11.50 26.74 13.20
C ASP B 170 -11.85 25.44 13.89
N SER B 171 -11.06 24.87 14.79
CA SER B 171 -11.38 23.54 15.28
C SER B 171 -12.58 23.42 16.26
N THR B 172 -13.79 23.67 15.79
CA THR B 172 -14.96 23.75 16.64
C THR B 172 -16.04 22.72 16.28
N TYR B 173 -17.12 22.57 17.06
CA TYR B 173 -18.23 21.69 16.71
C TYR B 173 -19.53 22.49 16.63
N SER B 174 -20.66 21.95 16.20
CA SER B 174 -21.90 22.69 16.08
C SER B 174 -23.06 21.74 16.28
N MET B 175 -24.17 22.07 16.91
CA MET B 175 -25.25 21.11 17.14
C MET B 175 -26.60 21.59 16.62
N SER B 176 -27.53 20.67 16.38
CA SER B 176 -28.82 20.98 15.83
C SER B 176 -29.79 20.16 16.64
N SER B 177 -30.50 20.91 17.47
CA SER B 177 -31.47 20.33 18.36
C SER B 177 -32.84 20.66 17.81
N THR B 178 -33.57 19.64 17.41
CA THR B 178 -34.86 19.86 16.81
C THR B 178 -35.94 19.13 17.58
N LEU B 179 -36.81 19.99 18.10
CA LEU B 179 -38.03 19.59 18.75
C LEU B 179 -39.07 19.56 17.62
N THR B 180 -39.70 18.43 17.40
CA THR B 180 -40.75 18.31 16.42
C THR B 180 -42.02 18.21 17.29
N LEU B 181 -43.11 18.95 17.05
CA LEU B 181 -44.29 19.03 17.92
C LEU B 181 -45.57 19.06 17.08
N THR B 182 -46.73 19.06 17.71
CA THR B 182 -47.98 19.12 16.97
C THR B 182 -48.49 20.57 16.99
N LYS B 183 -49.15 21.01 15.90
CA LYS B 183 -49.71 22.34 15.76
C LYS B 183 -50.45 22.72 17.03
N ASP B 184 -51.35 21.80 17.38
CA ASP B 184 -52.25 21.91 18.52
C ASP B 184 -51.45 21.91 19.80
N GLU B 185 -50.31 21.22 19.84
CA GLU B 185 -49.48 21.24 21.02
C GLU B 185 -48.67 22.51 21.13
N TYR B 186 -48.27 23.04 19.97
CA TYR B 186 -47.49 24.24 19.93
C TYR B 186 -48.37 25.35 20.53
N GLU B 187 -49.59 25.43 19.98
CA GLU B 187 -50.61 26.40 20.38
C GLU B 187 -51.20 26.21 21.80
N ARG B 188 -50.91 25.10 22.48
CA ARG B 188 -51.33 24.91 23.86
C ARG B 188 -50.33 25.65 24.76
N HIS B 189 -49.15 25.93 24.21
CA HIS B 189 -48.13 26.66 24.92
C HIS B 189 -47.66 27.96 24.30
N ASN B 190 -46.65 28.59 24.91
CA ASN B 190 -46.04 29.79 24.35
C ASN B 190 -44.57 29.92 24.67
N SER B 191 -44.02 29.81 25.88
CA SER B 191 -42.56 29.88 26.02
C SER B 191 -41.82 28.59 25.62
N TYR B 192 -40.85 28.75 24.74
CA TYR B 192 -40.12 27.62 24.20
C TYR B 192 -38.71 28.04 24.48
N THR B 193 -37.95 27.10 24.98
CA THR B 193 -36.57 27.41 25.28
C THR B 193 -35.62 26.30 24.89
N CYS B 194 -34.47 26.76 24.48
CA CYS B 194 -33.32 25.96 24.16
C CYS B 194 -32.38 26.46 25.23
N GLU B 195 -32.06 25.68 26.25
CA GLU B 195 -31.14 26.10 27.29
C GLU B 195 -29.92 25.20 27.15
N ALA B 196 -28.69 25.72 27.09
CA ALA B 196 -27.51 24.91 26.84
C ALA B 196 -26.44 25.11 27.90
N THR B 197 -25.80 24.04 28.25
CA THR B 197 -24.78 24.11 29.25
C THR B 197 -23.45 23.62 28.67
N HIS B 198 -22.54 24.55 28.46
CA HIS B 198 -21.23 24.23 27.94
C HIS B 198 -20.17 24.81 28.90
N LYS B 199 -18.96 24.22 28.93
CA LYS B 199 -17.79 24.66 29.73
C LYS B 199 -17.49 26.15 29.82
N THR B 200 -17.79 26.91 28.78
CA THR B 200 -17.49 28.32 28.76
C THR B 200 -18.26 29.23 29.71
N SER B 201 -19.15 28.64 30.55
CA SER B 201 -19.98 29.39 31.46
C SER B 201 -20.12 28.63 32.77
N THR B 202 -21.09 29.13 33.52
CA THR B 202 -21.55 28.69 34.83
C THR B 202 -23.07 28.75 34.60
N SER B 203 -23.50 29.97 34.29
CA SER B 203 -24.87 30.35 34.05
C SER B 203 -25.20 29.94 32.64
N PRO B 204 -26.13 29.01 32.45
CA PRO B 204 -26.55 28.46 31.19
C PRO B 204 -26.80 29.53 30.18
N ILE B 205 -26.42 29.09 28.98
CA ILE B 205 -26.64 29.90 27.80
C ILE B 205 -28.14 29.65 27.58
N VAL B 206 -29.05 30.61 27.47
CA VAL B 206 -30.46 30.26 27.36
C VAL B 206 -31.15 31.06 26.25
N LYS B 207 -31.68 30.45 25.16
CA LYS B 207 -32.41 31.19 24.12
C LYS B 207 -33.88 30.77 24.10
N SER B 208 -34.80 31.73 23.96
CA SER B 208 -36.24 31.49 24.08
C SER B 208 -37.08 32.33 23.15
N PHE B 209 -38.24 31.87 22.65
CA PHE B 209 -39.01 32.68 21.71
C PHE B 209 -40.52 32.64 21.90
N ASN B 210 -41.11 33.58 21.16
CA ASN B 210 -42.50 33.60 20.72
C ASN B 210 -42.74 34.90 19.94
N ARG B 211 -43.52 34.76 18.88
CA ARG B 211 -43.66 35.75 17.84
C ARG B 211 -44.06 37.16 18.21
N ASN B 212 -43.14 38.07 17.93
CA ASN B 212 -43.32 39.48 18.15
C ASN B 212 -42.51 40.16 17.05
N GLU B 213 -42.88 41.38 16.67
CA GLU B 213 -42.18 42.10 15.62
C GLU B 213 -40.90 42.71 16.19
N CYS B 214 -40.05 43.19 15.29
CA CYS B 214 -38.79 43.79 15.65
C CYS B 214 -38.55 44.94 14.67
N GLN C 1 -4.63 12.03 -13.45
CA GLN C 1 -3.59 11.15 -12.94
C GLN C 1 -4.38 9.88 -12.67
N ILE C 2 -4.45 9.20 -11.51
CA ILE C 2 -5.22 7.95 -11.45
C ILE C 2 -6.49 8.33 -10.78
N GLN C 3 -7.60 7.95 -11.40
CA GLN C 3 -8.93 8.32 -10.92
C GLN C 3 -9.80 7.05 -10.98
N LEU C 4 -10.62 6.79 -9.95
CA LEU C 4 -11.52 5.64 -9.97
C LEU C 4 -12.78 6.23 -9.43
N VAL C 5 -13.76 6.27 -10.31
CA VAL C 5 -15.08 6.77 -10.04
C VAL C 5 -15.91 5.52 -9.85
N GLN C 6 -16.89 5.55 -8.94
CA GLN C 6 -17.74 4.39 -8.68
C GLN C 6 -19.17 4.75 -8.97
N SER C 7 -20.07 3.78 -8.92
CA SER C 7 -21.43 4.12 -9.23
C SER C 7 -22.07 5.02 -8.15
N GLY C 8 -23.25 5.53 -8.51
CA GLY C 8 -24.01 6.33 -7.56
C GLY C 8 -24.62 5.37 -6.53
N PRO C 9 -24.93 5.84 -5.31
CA PRO C 9 -25.32 4.98 -4.20
C PRO C 9 -26.68 4.37 -4.45
N GLU C 10 -26.96 3.16 -3.98
CA GLU C 10 -28.20 2.48 -4.33
C GLU C 10 -29.10 2.09 -3.18
N LEU C 11 -30.42 2.13 -3.45
CA LEU C 11 -31.38 1.66 -2.46
C LEU C 11 -31.90 0.33 -2.95
N LYS C 12 -31.73 -0.76 -2.18
CA LYS C 12 -32.25 -2.07 -2.53
C LYS C 12 -32.82 -2.57 -1.23
N LYS C 13 -33.97 -3.22 -1.37
CA LYS C 13 -34.79 -3.82 -0.31
C LYS C 13 -34.23 -5.23 -0.10
N PRO C 14 -34.28 -5.82 1.10
CA PRO C 14 -33.68 -7.10 1.40
C PRO C 14 -33.97 -8.23 0.46
N GLY C 15 -32.93 -8.79 -0.15
CA GLY C 15 -33.08 -9.93 -1.02
C GLY C 15 -32.58 -9.69 -2.43
N GLU C 16 -32.55 -8.44 -2.88
CA GLU C 16 -32.12 -8.18 -4.25
C GLU C 16 -30.62 -8.37 -4.48
N THR C 17 -30.18 -8.11 -5.70
CA THR C 17 -28.80 -8.27 -6.14
C THR C 17 -28.39 -6.90 -6.61
N VAL C 18 -27.11 -6.54 -6.44
CA VAL C 18 -26.63 -5.21 -6.78
C VAL C 18 -25.22 -5.28 -7.31
N LYS C 19 -25.01 -4.65 -8.46
CA LYS C 19 -23.74 -4.66 -9.14
C LYS C 19 -23.28 -3.21 -9.06
N ILE C 20 -22.21 -3.02 -8.27
CA ILE C 20 -21.50 -1.75 -8.13
C ILE C 20 -20.35 -1.78 -9.15
N SER C 21 -20.21 -0.73 -9.96
CA SER C 21 -19.25 -0.53 -11.04
C SER C 21 -18.15 0.37 -10.51
N CYS C 22 -16.85 0.19 -10.83
CA CYS C 22 -15.70 1.03 -10.47
C CYS C 22 -14.88 1.25 -11.73
N LYS C 23 -15.04 2.37 -12.45
CA LYS C 23 -14.48 2.56 -13.79
C LYS C 23 -13.14 3.20 -13.53
N ALA C 24 -12.05 2.49 -13.83
CA ALA C 24 -10.70 2.95 -13.48
C ALA C 24 -9.95 3.78 -14.52
N SER C 25 -9.22 4.79 -14.11
CA SER C 25 -8.56 5.63 -15.07
C SER C 25 -7.19 5.98 -14.56
N GLY C 26 -6.43 6.52 -15.49
CA GLY C 26 -5.11 6.96 -15.17
C GLY C 26 -4.04 5.89 -15.23
N TYR C 27 -4.29 4.64 -14.87
CA TYR C 27 -3.23 3.65 -14.95
C TYR C 27 -3.50 2.56 -16.01
N THR C 28 -2.77 1.44 -16.10
CA THR C 28 -3.07 0.42 -17.11
C THR C 28 -3.72 -0.75 -16.39
N PHE C 29 -5.01 -0.96 -16.66
CA PHE C 29 -5.81 -1.91 -15.92
C PHE C 29 -5.24 -3.31 -15.65
N THR C 30 -4.71 -3.84 -16.74
CA THR C 30 -4.08 -5.14 -16.90
C THR C 30 -2.87 -5.44 -16.00
N ASN C 31 -2.23 -4.41 -15.45
CA ASN C 31 -1.03 -4.59 -14.62
C ASN C 31 -1.24 -4.48 -13.11
N TYR C 32 -2.47 -4.15 -12.67
CA TYR C 32 -2.84 -3.83 -11.29
C TYR C 32 -4.24 -4.34 -11.02
N GLY C 33 -4.25 -5.36 -10.18
CA GLY C 33 -5.52 -5.94 -9.82
C GLY C 33 -6.31 -5.00 -8.95
N MET C 34 -7.58 -5.33 -8.70
CA MET C 34 -8.49 -4.51 -7.89
C MET C 34 -8.72 -5.00 -6.49
N ASN C 35 -8.82 -4.12 -5.51
CA ASN C 35 -9.17 -4.51 -4.17
C ASN C 35 -10.55 -3.98 -4.03
N TRP C 36 -11.40 -4.73 -3.35
CA TRP C 36 -12.70 -4.24 -2.89
C TRP C 36 -12.73 -4.14 -1.37
N VAL C 37 -13.03 -3.02 -0.72
CA VAL C 37 -13.08 -2.93 0.74
C VAL C 37 -14.50 -2.59 1.28
N LYS C 38 -14.86 -2.97 2.52
CA LYS C 38 -16.16 -2.68 3.14
C LYS C 38 -15.96 -1.68 4.26
N GLN C 39 -16.64 -0.56 4.26
CA GLN C 39 -16.54 0.38 5.35
C GLN C 39 -17.96 0.24 5.81
N ALA C 40 -18.00 -0.46 6.93
CA ALA C 40 -19.27 -0.52 7.63
C ALA C 40 -19.37 0.84 8.29
N PRO C 41 -20.51 1.32 8.81
CA PRO C 41 -20.50 2.53 9.65
C PRO C 41 -19.84 2.28 11.01
N GLY C 42 -20.40 1.45 11.88
CA GLY C 42 -19.76 1.21 13.16
C GLY C 42 -18.80 0.04 13.10
N LYS C 43 -17.64 0.14 12.42
CA LYS C 43 -16.68 -0.97 12.39
C LYS C 43 -15.34 -0.66 11.74
N GLY C 44 -15.18 0.28 10.79
CA GLY C 44 -13.86 0.42 10.19
C GLY C 44 -13.62 -0.50 8.96
N LEU C 45 -12.36 -0.62 8.52
CA LEU C 45 -12.07 -1.20 7.23
C LEU C 45 -11.88 -2.70 7.17
N GLU C 46 -12.45 -3.31 6.12
CA GLU C 46 -12.47 -4.74 5.85
C GLU C 46 -11.93 -5.07 4.44
N TRP C 47 -10.83 -5.82 4.20
CA TRP C 47 -10.44 -6.19 2.84
C TRP C 47 -11.50 -7.20 2.39
N MET C 48 -12.24 -7.00 1.28
CA MET C 48 -13.19 -8.00 0.76
C MET C 48 -12.55 -9.05 -0.16
N GLY C 49 -11.57 -8.61 -0.92
CA GLY C 49 -10.79 -9.44 -1.81
C GLY C 49 -10.06 -8.62 -2.88
N TRP C 50 -9.52 -9.39 -3.83
CA TRP C 50 -8.79 -8.84 -4.95
C TRP C 50 -9.07 -9.61 -6.23
N ILE C 51 -9.11 -8.95 -7.40
CA ILE C 51 -9.27 -9.62 -8.68
C ILE C 51 -8.07 -9.38 -9.63
N ASN C 52 -7.46 -10.43 -10.16
CA ASN C 52 -6.37 -10.34 -11.08
C ASN C 52 -7.00 -9.73 -12.35
N THR C 53 -6.84 -8.44 -12.65
CA THR C 53 -7.45 -7.77 -13.81
C THR C 53 -6.83 -8.25 -15.11
N ASN C 54 -5.83 -9.12 -14.97
CA ASN C 54 -5.15 -9.72 -16.10
C ASN C 54 -5.69 -11.09 -16.49
N THR C 55 -5.79 -11.98 -15.50
CA THR C 55 -6.28 -13.36 -15.68
C THR C 55 -7.77 -13.50 -15.44
N GLY C 56 -8.30 -12.48 -14.74
CA GLY C 56 -9.68 -12.41 -14.29
C GLY C 56 -9.95 -13.15 -13.00
N GLU C 57 -9.03 -13.88 -12.33
CA GLU C 57 -9.50 -14.68 -11.20
C GLU C 57 -9.27 -14.11 -9.81
N PRO C 58 -10.31 -14.23 -8.98
CA PRO C 58 -10.48 -13.51 -7.72
C PRO C 58 -10.17 -14.30 -6.47
N THR C 59 -9.72 -13.61 -5.45
CA THR C 59 -9.43 -14.21 -4.18
C THR C 59 -10.43 -13.52 -3.31
N TYR C 60 -11.35 -14.25 -2.66
CA TYR C 60 -12.31 -13.67 -1.70
C TYR C 60 -11.83 -13.80 -0.27
N GLY C 61 -12.24 -12.87 0.54
CA GLY C 61 -12.01 -13.05 1.94
C GLY C 61 -12.95 -14.15 2.42
N GLU C 62 -12.69 -14.61 3.63
CA GLU C 62 -13.54 -15.61 4.23
C GLU C 62 -14.93 -15.09 4.53
N GLU C 63 -15.05 -13.90 5.12
CA GLU C 63 -16.33 -13.30 5.45
C GLU C 63 -17.15 -13.06 4.17
N PHE C 64 -16.79 -13.46 2.92
CA PHE C 64 -17.50 -12.97 1.73
C PHE C 64 -17.60 -13.94 0.54
N LYS C 65 -17.09 -15.16 0.68
CA LYS C 65 -16.98 -16.06 -0.48
C LYS C 65 -18.40 -16.54 -0.68
N GLY C 66 -19.20 -16.24 -1.73
CA GLY C 66 -20.57 -16.81 -1.74
C GLY C 66 -21.77 -15.90 -2.02
N ARG C 67 -21.79 -14.65 -1.59
CA ARG C 67 -22.85 -13.73 -2.03
C ARG C 67 -22.21 -12.62 -2.82
N PHE C 68 -20.90 -12.45 -2.64
CA PHE C 68 -20.16 -11.42 -3.33
C PHE C 68 -19.46 -12.18 -4.42
N ALA C 69 -19.40 -11.44 -5.53
CA ALA C 69 -18.82 -11.87 -6.78
C ALA C 69 -18.24 -10.68 -7.53
N PHE C 70 -16.90 -10.74 -7.72
CA PHE C 70 -16.13 -9.73 -8.41
C PHE C 70 -16.05 -10.23 -9.82
N SER C 71 -15.97 -9.29 -10.73
CA SER C 71 -15.93 -9.52 -12.15
C SER C 71 -15.42 -8.22 -12.72
N LEU C 72 -15.29 -8.04 -14.04
CA LEU C 72 -14.81 -6.78 -14.60
C LEU C 72 -15.12 -6.65 -16.07
N GLU C 73 -15.27 -5.45 -16.66
CA GLU C 73 -15.44 -5.27 -18.09
C GLU C 73 -14.15 -4.57 -18.48
N THR C 74 -13.13 -5.39 -18.66
CA THR C 74 -11.79 -4.97 -19.01
C THR C 74 -11.73 -3.99 -20.15
N SER C 75 -12.64 -4.17 -21.11
CA SER C 75 -12.84 -3.32 -22.27
C SER C 75 -13.08 -1.84 -21.99
N ALA C 76 -13.58 -1.61 -20.78
CA ALA C 76 -13.90 -0.30 -20.29
C ALA C 76 -13.10 -0.08 -19.00
N SER C 77 -12.14 -0.99 -18.76
CA SER C 77 -11.36 -1.01 -17.53
C SER C 77 -12.28 -0.97 -16.28
N THR C 78 -13.55 -1.44 -16.29
CA THR C 78 -14.40 -1.32 -15.12
C THR C 78 -14.32 -2.61 -14.29
N ALA C 79 -14.17 -2.55 -12.95
CA ALA C 79 -14.22 -3.73 -12.11
C ALA C 79 -15.53 -3.55 -11.44
N ASN C 80 -16.26 -4.63 -11.24
CA ASN C 80 -17.62 -4.56 -10.74
C ASN C 80 -17.74 -5.53 -9.60
N LEU C 81 -18.46 -5.21 -8.54
CA LEU C 81 -18.72 -6.15 -7.47
C LEU C 81 -20.20 -6.26 -7.41
N GLN C 82 -20.66 -7.50 -7.32
CA GLN C 82 -22.06 -7.77 -7.15
C GLN C 82 -22.39 -8.53 -5.86
N ILE C 83 -23.49 -8.15 -5.18
CA ILE C 83 -23.90 -8.79 -3.94
C ILE C 83 -25.29 -9.26 -4.23
N ASN C 84 -25.41 -10.57 -4.10
CA ASN C 84 -26.65 -11.32 -4.29
C ASN C 84 -27.40 -11.50 -2.97
N ASN C 85 -28.74 -11.67 -2.94
CA ASN C 85 -29.54 -11.77 -1.70
C ASN C 85 -29.13 -10.76 -0.62
N LEU C 86 -29.51 -9.52 -0.84
CA LEU C 86 -29.02 -8.51 0.08
C LEU C 86 -29.64 -8.66 1.44
N LYS C 87 -28.77 -9.03 2.36
CA LYS C 87 -29.10 -9.02 3.76
C LYS C 87 -28.88 -7.59 4.21
N ASN C 88 -29.77 -6.96 4.98
CA ASN C 88 -29.60 -5.59 5.48
C ASN C 88 -28.27 -5.34 6.17
N GLU C 89 -27.66 -6.36 6.78
CA GLU C 89 -26.34 -6.20 7.33
C GLU C 89 -25.28 -5.89 6.26
N ASP C 90 -25.61 -5.67 4.98
CA ASP C 90 -24.67 -5.21 3.95
C ASP C 90 -24.76 -3.68 3.80
N LYS C 91 -25.32 -3.00 4.79
CA LYS C 91 -25.36 -1.55 4.82
C LYS C 91 -23.98 -0.91 5.03
N ALA C 92 -23.37 -0.42 3.96
CA ALA C 92 -22.02 0.04 4.10
C ALA C 92 -21.65 0.85 2.87
N THR C 93 -20.37 1.15 2.77
CA THR C 93 -19.87 1.88 1.63
C THR C 93 -18.71 1.06 1.16
N PHE C 94 -18.87 0.40 0.03
CA PHE C 94 -17.83 -0.49 -0.50
C PHE C 94 -16.89 0.34 -1.39
N PHE C 95 -15.60 0.15 -1.22
CA PHE C 95 -14.61 0.91 -1.96
C PHE C 95 -13.92 0.07 -2.96
N CYS C 96 -13.54 0.57 -4.11
CA CYS C 96 -12.65 -0.19 -4.95
C CYS C 96 -11.37 0.53 -4.69
N ALA C 97 -10.20 -0.11 -4.65
CA ALA C 97 -8.90 0.55 -4.44
C ALA C 97 -7.86 -0.30 -5.19
N ARG C 98 -6.86 0.35 -5.79
CA ARG C 98 -5.92 -0.38 -6.61
C ARG C 98 -4.90 -1.22 -5.84
N GLY C 99 -4.80 -2.49 -6.23
CA GLY C 99 -3.79 -3.34 -5.64
C GLY C 99 -2.44 -2.96 -6.23
N GLU C 100 -1.62 -2.16 -5.53
CA GLU C 100 -0.27 -1.78 -5.96
C GLU C 100 0.57 -2.97 -6.39
N ASP C 101 0.48 -4.05 -5.66
CA ASP C 101 1.23 -5.25 -5.93
C ASP C 101 0.24 -6.38 -6.20
N ASN C 102 0.75 -7.56 -6.58
CA ASN C 102 -0.03 -8.80 -6.68
C ASN C 102 -0.63 -9.15 -5.33
N PHE C 103 -1.92 -9.45 -5.29
CA PHE C 103 -2.72 -9.75 -4.11
C PHE C 103 -3.21 -8.55 -3.35
N GLY C 104 -2.75 -7.33 -3.59
CA GLY C 104 -3.27 -6.16 -2.91
C GLY C 104 -2.73 -5.88 -1.53
N SER C 105 -1.47 -6.03 -1.19
CA SER C 105 -1.02 -5.69 0.14
C SER C 105 -0.94 -4.19 0.43
N LEU C 106 -1.21 -3.36 -0.54
CA LEU C 106 -1.04 -1.95 -0.42
C LEU C 106 -2.10 -1.43 -1.35
N SER C 107 -3.05 -0.71 -0.80
CA SER C 107 -3.98 -0.13 -1.72
C SER C 107 -3.51 1.32 -1.84
N ASP C 108 -2.83 1.66 -2.93
CA ASP C 108 -2.50 3.06 -3.20
C ASP C 108 -3.62 3.56 -4.07
N TYR C 109 -4.11 4.79 -4.04
CA TYR C 109 -5.25 5.18 -4.91
C TYR C 109 -6.56 4.35 -4.77
N TRP C 110 -7.49 4.93 -4.01
CA TRP C 110 -8.80 4.35 -3.70
C TRP C 110 -9.89 5.06 -4.49
N GLY C 111 -11.01 4.39 -4.64
CA GLY C 111 -12.09 5.01 -5.36
C GLY C 111 -12.99 5.68 -4.36
N GLN C 112 -13.88 6.56 -4.83
CA GLN C 112 -14.85 7.29 -4.03
C GLN C 112 -15.82 6.59 -3.06
N GLY C 113 -16.13 5.28 -3.09
CA GLY C 113 -17.04 4.66 -2.14
C GLY C 113 -18.44 4.67 -2.73
N THR C 114 -19.18 3.55 -2.64
CA THR C 114 -20.57 3.47 -3.05
C THR C 114 -21.36 2.96 -1.85
N THR C 115 -22.38 3.71 -1.52
CA THR C 115 -23.22 3.46 -0.36
C THR C 115 -24.47 2.66 -0.63
N LEU C 116 -24.68 1.76 0.31
CA LEU C 116 -25.71 0.81 0.14
C LEU C 116 -26.48 0.76 1.42
N THR C 117 -27.74 0.99 1.15
CA THR C 117 -28.76 1.04 2.19
C THR C 117 -29.66 -0.09 1.75
N VAL C 118 -29.76 -1.15 2.58
CA VAL C 118 -30.66 -2.21 2.23
C VAL C 118 -31.84 -1.95 3.15
N SER C 119 -32.92 -1.36 2.61
CA SER C 119 -34.12 -1.06 3.37
C SER C 119 -35.37 -1.30 2.54
N SER C 120 -36.40 -1.64 3.31
CA SER C 120 -37.74 -1.86 2.80
C SER C 120 -38.51 -0.54 2.75
N ALA C 121 -37.98 0.51 3.40
CA ALA C 121 -38.62 1.81 3.43
C ALA C 121 -38.80 2.39 2.04
N LYS C 122 -39.90 3.16 1.96
CA LYS C 122 -40.33 3.80 0.73
C LYS C 122 -39.52 5.09 0.53
N THR C 123 -39.25 5.37 -0.72
CA THR C 123 -38.61 6.63 -1.09
C THR C 123 -39.68 7.68 -0.83
N THR C 124 -39.27 8.67 -0.06
CA THR C 124 -40.14 9.75 0.31
C THR C 124 -39.38 11.03 -0.02
N ALA C 125 -40.06 11.96 -0.67
CA ALA C 125 -39.46 13.25 -0.99
C ALA C 125 -39.32 14.09 0.30
N PRO C 126 -38.48 15.13 0.43
CA PRO C 126 -38.44 15.98 1.61
C PRO C 126 -39.42 17.15 1.52
N SER C 127 -39.62 17.77 2.66
CA SER C 127 -40.43 18.97 2.74
C SER C 127 -39.49 19.97 3.40
N VAL C 128 -39.26 21.05 2.66
CA VAL C 128 -38.25 22.03 3.02
C VAL C 128 -38.93 23.27 3.61
N TYR C 129 -38.35 23.79 4.70
CA TYR C 129 -38.85 24.98 5.39
C TYR C 129 -37.73 26.01 5.55
N PRO C 130 -37.97 27.33 5.33
CA PRO C 130 -37.05 28.42 5.61
C PRO C 130 -37.18 28.85 7.05
N LEU C 131 -36.07 28.79 7.75
CA LEU C 131 -36.11 29.06 9.16
C LEU C 131 -35.61 30.46 9.37
N ALA C 132 -36.54 31.42 9.32
CA ALA C 132 -36.24 32.82 9.54
C ALA C 132 -36.21 32.99 11.04
N PRO C 133 -35.53 33.98 11.60
CA PRO C 133 -35.52 34.19 13.04
C PRO C 133 -36.61 35.17 13.46
N VAL C 134 -36.98 35.13 14.74
CA VAL C 134 -37.85 36.11 15.35
C VAL C 134 -36.84 37.23 15.68
N CYS C 135 -36.35 37.85 14.59
CA CYS C 135 -35.19 38.74 14.55
C CYS C 135 -34.01 38.22 15.38
N GLY C 136 -33.48 38.80 16.45
CA GLY C 136 -32.35 38.22 17.18
C GLY C 136 -31.01 38.27 16.45
N ASP C 137 -30.30 39.39 16.59
CA ASP C 137 -28.99 39.56 15.97
C ASP C 137 -28.03 38.55 16.59
N THR C 138 -27.69 37.54 15.79
CA THR C 138 -26.86 36.46 16.25
C THR C 138 -25.40 36.90 16.27
N THR C 139 -25.02 37.41 17.44
CA THR C 139 -23.68 37.89 17.77
C THR C 139 -23.41 39.20 17.01
N GLY C 140 -22.19 39.70 16.88
CA GLY C 140 -21.93 41.00 16.26
C GLY C 140 -22.33 41.06 14.79
N SER C 141 -23.34 41.91 14.53
CA SER C 141 -23.84 42.23 13.21
C SER C 141 -23.99 41.09 12.20
N SER C 142 -24.46 39.99 12.74
CA SER C 142 -24.64 38.77 12.01
C SER C 142 -26.03 38.23 12.36
N VAL C 143 -26.68 37.72 11.33
CA VAL C 143 -27.97 37.13 11.42
C VAL C 143 -27.71 35.72 10.91
N THR C 144 -28.29 34.73 11.56
CA THR C 144 -28.06 33.35 11.15
C THR C 144 -29.45 32.92 10.75
N LEU C 145 -29.61 32.24 9.62
CA LEU C 145 -30.91 31.81 9.22
C LEU C 145 -30.65 30.45 8.65
N GLY C 146 -31.70 29.67 8.72
CA GLY C 146 -31.58 28.27 8.40
C GLY C 146 -32.59 27.78 7.40
N CYS C 147 -32.47 26.47 7.18
CA CYS C 147 -33.30 25.73 6.25
C CYS C 147 -33.32 24.31 6.76
N LEU C 148 -34.55 23.82 6.95
CA LEU C 148 -34.78 22.50 7.47
C LEU C 148 -35.42 21.66 6.37
N VAL C 149 -34.73 20.56 6.09
CA VAL C 149 -35.14 19.58 5.11
C VAL C 149 -35.72 18.46 5.96
N LYS C 150 -37.02 18.23 5.88
CA LYS C 150 -37.66 17.26 6.75
C LYS C 150 -38.36 16.10 6.03
N GLY C 151 -38.27 14.92 6.69
CA GLY C 151 -38.93 13.68 6.30
C GLY C 151 -38.79 13.16 4.86
N TYR C 152 -37.65 12.58 4.51
CA TYR C 152 -37.42 12.03 3.18
C TYR C 152 -36.79 10.65 3.33
N PHE C 153 -36.64 9.88 2.23
CA PHE C 153 -35.90 8.63 2.23
C PHE C 153 -35.56 8.39 0.77
N PRO C 154 -34.36 8.02 0.40
CA PRO C 154 -33.26 7.81 1.31
C PRO C 154 -32.25 8.99 1.33
N GLU C 155 -31.15 8.78 2.06
CA GLU C 155 -30.02 9.71 2.05
C GLU C 155 -29.46 9.50 0.65
N PRO C 156 -28.94 10.48 -0.08
CA PRO C 156 -28.73 11.87 0.34
C PRO C 156 -29.65 12.97 -0.17
N VAL C 157 -29.34 14.18 0.30
CA VAL C 157 -29.97 15.37 -0.19
C VAL C 157 -28.81 16.35 -0.34
N THR C 158 -28.94 17.23 -1.32
CA THR C 158 -27.89 18.17 -1.65
C THR C 158 -28.45 19.55 -1.31
N LEU C 159 -28.06 20.03 -0.12
CA LEU C 159 -28.42 21.37 0.33
C LEU C 159 -27.26 22.31 -0.05
N THR C 160 -27.57 23.45 -0.69
CA THR C 160 -26.59 24.48 -1.02
C THR C 160 -27.27 25.81 -0.67
N TRP C 161 -26.54 26.83 -0.17
CA TRP C 161 -27.17 28.13 0.02
C TRP C 161 -26.59 28.95 -1.10
N ASN C 162 -27.62 29.58 -1.61
CA ASN C 162 -27.57 30.46 -2.72
C ASN C 162 -26.71 30.04 -3.89
N SER C 163 -27.14 28.85 -4.33
CA SER C 163 -26.63 28.23 -5.55
C SER C 163 -25.09 28.06 -5.44
N GLY C 164 -24.61 27.80 -4.23
CA GLY C 164 -23.20 27.63 -4.02
C GLY C 164 -22.56 28.91 -3.53
N SER C 165 -22.91 30.12 -3.99
CA SER C 165 -22.29 31.38 -3.52
C SER C 165 -22.15 31.61 -2.00
N LEU C 166 -23.02 31.01 -1.19
CA LEU C 166 -22.95 31.22 0.21
C LEU C 166 -22.31 29.91 0.59
N SER C 167 -20.98 30.02 0.64
CA SER C 167 -20.14 28.92 1.07
C SER C 167 -19.54 29.14 2.46
N SER C 168 -19.21 30.35 2.89
CA SER C 168 -18.72 30.51 4.26
C SER C 168 -19.94 30.79 5.10
N GLY C 169 -19.84 30.38 6.35
CA GLY C 169 -20.92 30.69 7.30
C GLY C 169 -21.93 29.54 7.49
N VAL C 170 -21.77 28.58 6.59
CA VAL C 170 -22.62 27.43 6.53
C VAL C 170 -22.12 26.33 7.43
N HIS C 171 -23.07 25.63 8.06
CA HIS C 171 -22.87 24.40 8.81
C HIS C 171 -24.05 23.58 8.34
N THR C 172 -23.85 22.48 7.66
CA THR C 172 -24.97 21.61 7.31
C THR C 172 -24.84 20.49 8.34
N PHE C 173 -25.77 20.28 9.25
CA PHE C 173 -25.65 19.19 10.22
C PHE C 173 -25.94 17.82 9.61
N PRO C 174 -25.26 16.73 9.92
CA PRO C 174 -25.63 15.37 9.49
C PRO C 174 -27.12 14.99 9.57
N ALA C 175 -27.58 14.31 8.52
CA ALA C 175 -28.95 13.86 8.48
C ALA C 175 -29.09 12.67 9.45
N VAL C 176 -30.25 12.61 10.10
CA VAL C 176 -30.54 11.60 11.11
C VAL C 176 -31.86 10.89 10.75
N LEU C 177 -31.89 9.55 10.92
CA LEU C 177 -33.06 8.77 10.60
C LEU C 177 -33.92 8.66 11.82
N GLN C 178 -35.10 9.28 11.82
CA GLN C 178 -36.04 9.09 12.91
C GLN C 178 -36.90 7.92 12.41
N SER C 179 -36.41 6.71 12.72
CA SER C 179 -37.02 5.44 12.35
C SER C 179 -37.25 5.19 10.86
N ASP C 180 -38.23 5.80 10.18
CA ASP C 180 -38.48 5.51 8.78
C ASP C 180 -37.93 6.63 7.87
N LEU C 181 -37.64 7.87 8.35
CA LEU C 181 -37.23 8.97 7.46
C LEU C 181 -36.19 9.87 8.10
N TYR C 182 -35.63 10.69 7.23
CA TYR C 182 -34.54 11.62 7.53
C TYR C 182 -34.81 13.09 7.82
N THR C 183 -34.13 13.71 8.80
CA THR C 183 -34.24 15.15 9.01
C THR C 183 -32.84 15.75 8.92
N LEU C 184 -32.77 16.89 8.22
CA LEU C 184 -31.55 17.60 7.89
C LEU C 184 -31.73 19.10 8.18
N SER C 185 -30.64 19.84 8.40
CA SER C 185 -30.67 21.26 8.70
C SER C 185 -29.30 21.92 8.41
N SER C 186 -29.30 23.14 7.89
CA SER C 186 -28.07 23.89 7.89
C SER C 186 -28.41 25.30 8.27
N SER C 187 -27.38 25.90 8.86
CA SER C 187 -27.46 27.29 9.28
C SER C 187 -26.57 28.06 8.34
N VAL C 188 -26.74 29.36 8.23
CA VAL C 188 -25.78 30.19 7.57
C VAL C 188 -25.92 31.50 8.31
N THR C 189 -24.77 32.11 8.51
CA THR C 189 -24.62 33.34 9.24
C THR C 189 -24.17 34.36 8.21
N VAL C 190 -24.84 35.51 8.09
CA VAL C 190 -24.47 36.56 7.16
C VAL C 190 -24.53 37.83 7.94
N THR C 191 -23.87 38.82 7.40
CA THR C 191 -23.89 40.12 8.01
C THR C 191 -25.22 40.73 7.69
N SER C 192 -25.55 41.60 8.61
CA SER C 192 -26.80 42.32 8.54
C SER C 192 -26.96 43.10 7.23
N SER C 193 -25.87 43.59 6.63
CA SER C 193 -26.00 44.36 5.39
C SER C 193 -26.58 43.51 4.23
N THR C 194 -26.16 42.25 4.30
CA THR C 194 -26.47 41.22 3.34
C THR C 194 -27.93 40.80 3.40
N TRP C 195 -28.62 40.82 4.53
CA TRP C 195 -29.93 40.23 4.57
C TRP C 195 -30.77 41.11 5.50
N PRO C 196 -32.05 41.44 5.25
CA PRO C 196 -32.89 40.94 4.15
C PRO C 196 -32.73 41.57 2.78
N SER C 197 -31.64 42.31 2.63
CA SER C 197 -31.34 43.07 1.43
C SER C 197 -30.97 42.17 0.23
N GLN C 198 -29.97 41.30 0.30
CA GLN C 198 -29.71 40.37 -0.78
C GLN C 198 -30.67 39.20 -0.59
N SER C 199 -30.84 38.36 -1.59
CA SER C 199 -31.85 37.32 -1.58
C SER C 199 -31.34 35.94 -1.15
N ILE C 200 -31.31 35.67 0.16
CA ILE C 200 -30.86 34.35 0.60
C ILE C 200 -31.87 33.26 0.27
N THR C 201 -31.30 32.15 -0.20
CA THR C 201 -31.98 30.98 -0.67
C THR C 201 -31.26 29.66 -0.34
N CYS C 202 -32.17 28.71 -0.10
CA CYS C 202 -31.84 27.34 0.19
C CYS C 202 -32.16 26.51 -1.06
N ASN C 203 -31.25 25.81 -1.72
CA ASN C 203 -31.64 24.98 -2.86
C ASN C 203 -31.44 23.57 -2.34
N VAL C 204 -32.46 22.72 -2.39
CA VAL C 204 -32.40 21.36 -1.87
C VAL C 204 -32.75 20.37 -2.98
N ALA C 205 -31.84 19.44 -3.29
CA ALA C 205 -32.09 18.36 -4.24
C ALA C 205 -32.09 16.97 -3.62
N HIS C 206 -33.20 16.26 -3.80
CA HIS C 206 -33.34 14.89 -3.35
C HIS C 206 -33.55 14.13 -4.64
N PRO C 207 -32.50 13.54 -5.20
CA PRO C 207 -32.53 12.96 -6.54
C PRO C 207 -33.27 11.62 -6.59
N ALA C 208 -33.40 10.97 -5.45
CA ALA C 208 -34.19 9.76 -5.39
C ALA C 208 -35.63 10.03 -5.84
N SER C 209 -36.28 11.05 -5.28
CA SER C 209 -37.63 11.37 -5.72
C SER C 209 -37.70 12.05 -7.08
N SER C 210 -36.64 12.83 -7.31
CA SER C 210 -36.33 13.69 -8.45
C SER C 210 -36.92 15.02 -7.99
N THR C 211 -36.31 15.55 -6.93
CA THR C 211 -36.81 16.76 -6.32
C THR C 211 -35.75 17.84 -6.30
N LYS C 212 -36.11 19.04 -6.78
CA LYS C 212 -35.24 20.22 -6.72
C LYS C 212 -36.09 21.37 -6.17
N VAL C 213 -35.77 21.86 -4.98
CA VAL C 213 -36.55 22.84 -4.21
C VAL C 213 -35.68 24.07 -4.01
N ASP C 214 -36.26 25.27 -3.96
CA ASP C 214 -35.53 26.52 -3.75
C ASP C 214 -36.34 27.40 -2.82
N LYS C 215 -35.96 27.56 -1.56
CA LYS C 215 -36.74 28.33 -0.59
C LYS C 215 -36.15 29.67 -0.26
N LYS C 216 -36.88 30.77 -0.45
CA LYS C 216 -36.35 32.07 -0.06
C LYS C 216 -36.51 32.17 1.45
N ILE C 217 -35.49 32.60 2.19
CA ILE C 217 -35.67 32.74 3.62
C ILE C 217 -35.90 34.24 3.62
N GLU C 218 -37.21 34.51 3.55
CA GLU C 218 -37.81 35.84 3.48
C GLU C 218 -38.21 36.21 4.90
N PRO C 219 -38.19 37.45 5.41
CA PRO C 219 -37.95 37.76 6.81
C PRO C 219 -38.95 37.38 7.88
N ARG C 220 -40.07 36.70 7.61
CA ARG C 220 -41.14 36.44 8.58
C ARG C 220 -40.98 36.52 10.12
N GLY C 221 -41.01 37.80 10.47
CA GLY C 221 -40.99 38.33 11.82
C GLY C 221 -41.59 39.74 11.76
C1 NAG D . 32.95 -22.42 17.51
C2 NAG D . 32.65 -22.53 18.97
C3 NAG D . 33.88 -23.04 19.78
C4 NAG D . 34.40 -24.34 19.17
C5 NAG D . 34.73 -24.08 17.69
C6 NAG D . 35.38 -25.24 16.94
C7 NAG D . 31.09 -20.83 19.82
C8 NAG D . 30.94 -19.38 20.25
N2 NAG D . 32.31 -21.18 19.36
O3 NAG D . 33.59 -23.26 21.13
O4 NAG D . 35.56 -24.80 19.88
O5 NAG D . 33.48 -23.69 17.04
O6 NAG D . 34.73 -26.51 17.04
O7 NAG D . 30.10 -21.61 19.82
C1 NAG D . 35.63 -26.20 20.20
C2 NAG D . 37.01 -26.55 20.69
C3 NAG D . 37.06 -27.97 21.22
C4 NAG D . 35.91 -28.18 22.25
C5 NAG D . 34.60 -27.82 21.65
C6 NAG D . 33.45 -27.95 22.64
C7 NAG D . 38.57 -25.41 19.14
C8 NAG D . 39.48 -25.43 17.93
N2 NAG D . 37.92 -26.49 19.56
O3 NAG D . 38.31 -28.24 21.78
O4 NAG D . 35.83 -29.56 22.62
O5 NAG D . 34.67 -26.46 21.19
O6 NAG D . 33.36 -26.72 23.34
O7 NAG D . 38.42 -24.36 19.76
C1 BMA D . 36.25 -29.96 23.92
C2 BMA D . 35.60 -31.32 24.12
C3 BMA D . 36.27 -32.08 25.31
C4 BMA D . 37.78 -31.89 25.34
C5 BMA D . 38.23 -30.44 25.18
C6 BMA D . 39.76 -30.13 25.22
O2 BMA D . 35.69 -32.05 22.91
O3 BMA D . 36.03 -33.52 25.27
O4 BMA D . 38.16 -32.32 26.61
O5 BMA D . 37.67 -30.04 23.94
O6 BMA D . 40.09 -28.91 25.91
C1 MAN D . 35.47 -34.14 26.44
C2 MAN D . 35.30 -35.66 26.37
C3 MAN D . 34.05 -36.01 25.56
C4 MAN D . 32.84 -35.30 26.05
C5 MAN D . 33.10 -33.84 25.93
C6 MAN D . 31.93 -32.98 26.34
O2 MAN D . 35.14 -36.01 27.77
O3 MAN D . 33.73 -37.36 25.61
O4 MAN D . 31.73 -35.70 25.32
O5 MAN D . 34.21 -33.52 26.77
O6 MAN D . 32.46 -31.69 26.63
C1 MAN D . 35.03 -37.36 28.27
C2 MAN D . 34.61 -37.16 29.75
C3 MAN D . 35.86 -36.69 30.62
C4 MAN D . 37.16 -37.47 30.26
C5 MAN D . 37.39 -37.53 28.78
C6 MAN D . 38.64 -38.34 28.47
O2 MAN D . 34.09 -38.37 30.31
O3 MAN D . 35.67 -36.87 32.05
O4 MAN D . 38.28 -36.80 30.85
O5 MAN D . 36.25 -38.16 28.15
O6 MAN D . 38.69 -39.62 29.03
C1 MAN D . 32.74 -38.75 30.17
C2 MAN D . 32.56 -40.14 30.85
C3 MAN D . 33.11 -41.17 29.95
C4 MAN D . 32.36 -41.22 28.66
C5 MAN D . 32.58 -39.90 27.92
C6 MAN D . 31.62 -39.75 26.73
O2 MAN D . 31.23 -40.43 31.11
O3 MAN D . 33.02 -42.42 30.53
O4 MAN D . 32.85 -42.32 27.96
O5 MAN D . 32.32 -38.74 28.80
O6 MAN D . 30.34 -39.30 27.16
C1 NAG E . 3.93 -28.38 9.57
C2 NAG E . 3.90 -27.05 10.33
C3 NAG E . 2.85 -27.25 11.44
C4 NAG E . 1.51 -27.45 10.70
C5 NAG E . 1.59 -28.65 9.73
C6 NAG E . 0.43 -28.94 8.82
C7 NAG E . 6.17 -27.31 11.24
C8 NAG E . 7.50 -26.58 11.50
N2 NAG E . 5.17 -26.55 10.82
O3 NAG E . 2.89 -26.12 12.30
O4 NAG E . 0.40 -27.71 11.59
O5 NAG E . 2.71 -28.51 8.86
O6 NAG E . 0.86 -30.01 7.99
O7 NAG E . 6.01 -28.52 11.48
C1 NAG E . -0.27 -26.62 12.24
C2 NAG E . -1.67 -27.16 12.75
C3 NAG E . -2.18 -26.39 13.95
C4 NAG E . -1.07 -26.33 15.00
C5 NAG E . 0.05 -25.49 14.40
C6 NAG E . 1.19 -25.08 15.31
C7 NAG E . -2.87 -26.97 10.51
C8 NAG E . -4.23 -26.93 9.82
N2 NAG E . -2.83 -27.15 11.84
O3 NAG E . -3.35 -26.99 14.50
O4 NAG E . -1.64 -25.78 16.15
O5 NAG E . 0.60 -26.23 13.33
O6 NAG E . 2.11 -24.30 14.57
O7 NAG E . -1.85 -26.87 9.81
C1 NAG F . 45.24 -14.26 -20.50
C2 NAG F . 46.29 -14.72 -21.51
C3 NAG F . 47.66 -14.61 -20.81
C4 NAG F . 47.91 -13.12 -20.44
C5 NAG F . 46.81 -12.72 -19.42
C6 NAG F . 46.85 -11.27 -18.92
C7 NAG F . 45.24 -16.32 -23.09
C8 NAG F . 45.03 -17.71 -23.65
N2 NAG F . 46.05 -16.08 -22.03
O3 NAG F . 48.74 -15.09 -21.61
O4 NAG F . 49.23 -12.95 -19.93
O5 NAG F . 45.53 -12.93 -20.03
O6 NAG F . 45.66 -11.03 -18.19
O7 NAG F . 44.65 -15.37 -23.59
CA CA G . 17.31 -1.45 0.94
#